data_8VYX
#
_entry.id   8VYX
#
_cell.length_a   53.809
_cell.length_b   58.867
_cell.length_c   94.127
_cell.angle_alpha   86.75
_cell.angle_beta   74.98
_cell.angle_gamma   62.91
#
_symmetry.space_group_name_H-M   'P 1'
#
loop_
_entity.id
_entity.type
_entity.pdbx_description
1 polymer 'Estrogen receptor'
2 non-polymer "4,4'-[(1S,4S,5R)-5-(3,4-dihydroquinoline-1(2H)-sulfonyl)-7-oxabicyclo[2.2.1]hept-2-ene-2,3-diyl]diphenol"
3 water water
#
_entity_poly.entity_id   1
_entity_poly.type   'polypeptide(L)'
_entity_poly.pdbx_seq_one_letter_code
;SLALSLTADQMVSALLDAEPPILYSEYDPTRPFSEASMMGLLTNLADRELVHMINWAKRVPGFVDLTSHDQVHLLECAWL
EILMIGLVWRSMEHPGKLLFAPNLLLDRNQGKCVEGMVEIFDMLLATSSRFRMMNLQGEEFVCLKSIILLNSGVYTFLSS
TLKSLEEKDHIHRVLDKITDTLIHLMAKAGLTLQQQHQRLAQLLLILSHIRHMSNKGMEHLYSMKCKNVVPSYDLLLEML
DA
;
_entity_poly.pdbx_strand_id   A,B,C,D
#
loop_
_chem_comp.id
_chem_comp.type
_chem_comp.name
_chem_comp.formula
A1AHU non-polymer 4,4'-[(1S,4S,5R)-5-(3,4-dihydroquinoline-1(2H)-sulfonyl)-7-oxabicyclo[2.2.1]hept-2-ene-2,3-diyl]diphenol 'C27 H25 N O5 S'
#
# COMPACT_ATOMS: atom_id res chain seq x y z
N LEU A 2 14.92 3.59 -29.85
CA LEU A 2 14.81 2.51 -28.85
C LEU A 2 14.03 2.89 -27.60
N ALA A 3 13.62 4.15 -27.48
CA ALA A 3 12.93 4.56 -26.26
C ALA A 3 11.67 3.75 -26.01
N LEU A 4 10.87 3.51 -27.06
CA LEU A 4 9.64 2.75 -26.87
C LEU A 4 9.86 1.25 -26.77
N SER A 5 11.11 0.79 -26.87
CA SER A 5 11.40 -0.61 -26.57
C SER A 5 11.67 -0.88 -25.09
N LEU A 6 11.78 0.16 -24.26
CA LEU A 6 12.10 -0.03 -22.85
C LEU A 6 10.96 -0.73 -22.12
N THR A 7 11.31 -1.60 -21.16
CA THR A 7 10.30 -2.14 -20.26
C THR A 7 9.94 -1.09 -19.19
N ALA A 8 8.89 -1.38 -18.41
CA ALA A 8 8.54 -0.48 -17.31
C ALA A 8 9.71 -0.33 -16.33
N ASP A 9 10.33 -1.46 -15.96
CA ASP A 9 11.45 -1.44 -15.03
C ASP A 9 12.64 -0.64 -15.54
N GLN A 10 12.93 -0.74 -16.84
CA GLN A 10 13.99 0.04 -17.46
C GLN A 10 13.64 1.52 -17.53
N MET A 11 12.35 1.87 -17.72
CA MET A 11 11.96 3.27 -17.72
C MET A 11 12.17 3.89 -16.36
N VAL A 12 11.69 3.23 -15.32
CA VAL A 12 11.89 3.72 -13.95
C VAL A 12 13.38 3.92 -13.63
N SER A 13 14.21 2.93 -13.97
CA SER A 13 15.65 3.01 -13.73
C SER A 13 16.27 4.17 -14.49
N ALA A 14 15.88 4.34 -15.75
CA ALA A 14 16.40 5.48 -16.52
C ALA A 14 16.04 6.81 -15.86
N LEU A 15 14.79 6.95 -15.46
CA LEU A 15 14.35 8.23 -14.87
C LEU A 15 15.00 8.47 -13.52
N LEU A 16 15.13 7.43 -12.70
CA LEU A 16 15.78 7.62 -11.39
C LEU A 16 17.23 8.06 -11.58
N ASP A 17 17.98 7.38 -12.44
CA ASP A 17 19.38 7.73 -12.67
C ASP A 17 19.55 9.14 -13.19
N ALA A 18 18.55 9.65 -13.91
CA ALA A 18 18.63 10.97 -14.54
C ALA A 18 18.36 12.14 -13.58
N GLU A 19 17.98 11.88 -12.37
CA GLU A 19 17.50 12.92 -11.47
C GLU A 19 18.55 14.01 -11.32
N PRO A 20 18.15 15.27 -11.27
CA PRO A 20 19.12 16.34 -11.05
C PRO A 20 19.55 16.39 -9.59
N PRO A 21 20.64 17.08 -9.30
CA PRO A 21 21.06 17.25 -7.92
C PRO A 21 20.23 18.30 -7.18
N ILE A 22 20.32 18.27 -5.86
CA ILE A 22 19.74 19.29 -5.02
C ILE A 22 20.78 20.39 -4.85
N LEU A 23 20.42 21.63 -5.20
CA LEU A 23 21.34 22.74 -5.06
C LEU A 23 21.06 23.54 -3.79
N TYR A 24 22.06 24.30 -3.39
CA TYR A 24 21.95 25.17 -2.24
C TYR A 24 21.60 26.57 -2.71
N SER A 25 20.98 27.34 -1.83
CA SER A 25 20.80 28.77 -2.07
C SER A 25 22.08 29.48 -1.66
N GLU A 26 22.19 30.77 -1.99
CA GLU A 26 23.33 31.56 -1.51
C GLU A 26 23.48 31.41 -0.01
N TYR A 27 24.72 31.27 0.45
CA TYR A 27 24.95 31.07 1.87
C TYR A 27 24.85 32.41 2.60
N ASP A 28 24.20 32.37 3.77
CA ASP A 28 24.11 33.50 4.69
C ASP A 28 23.67 34.80 4.01
N PRO A 29 22.51 34.82 3.36
CA PRO A 29 22.02 36.07 2.80
C PRO A 29 21.59 37.00 3.92
N THR A 30 21.41 38.27 3.58
CA THR A 30 20.91 39.23 4.56
C THR A 30 19.48 38.88 4.96
N ARG A 31 19.21 38.79 6.24
CA ARG A 31 17.86 38.51 6.69
C ARG A 31 17.45 39.61 7.66
N PRO A 32 16.17 40.04 7.68
CA PRO A 32 14.98 39.63 6.91
C PRO A 32 15.11 40.04 5.43
N PHE A 33 14.46 39.29 4.56
CA PHE A 33 14.52 39.63 3.14
C PHE A 33 13.66 40.83 2.85
N SER A 34 14.06 41.55 1.81
CA SER A 34 13.20 42.47 1.08
C SER A 34 12.59 41.74 -0.11
N GLU A 35 11.65 42.39 -0.75
CA GLU A 35 11.11 41.90 -2.01
C GLU A 35 12.22 41.59 -2.99
N ALA A 36 12.98 42.62 -3.35
CA ALA A 36 14.05 42.46 -4.34
C ALA A 36 14.99 41.34 -3.94
N SER A 37 15.33 41.24 -2.65
CA SER A 37 16.38 40.31 -2.26
C SER A 37 15.90 38.87 -2.31
N MET A 38 14.68 38.63 -1.85
CA MET A 38 14.11 37.29 -1.97
C MET A 38 13.99 36.89 -3.45
N MET A 39 13.46 37.78 -4.28
CA MET A 39 13.42 37.48 -5.71
C MET A 39 14.79 37.17 -6.25
N GLY A 40 15.80 38.00 -5.90
CA GLY A 40 17.16 37.71 -6.33
C GLY A 40 17.63 36.32 -5.98
N LEU A 41 17.43 35.91 -4.73
CA LEU A 41 17.80 34.57 -4.30
C LEU A 41 17.03 33.49 -5.10
N LEU A 42 15.74 33.72 -5.33
CA LEU A 42 14.95 32.71 -6.00
C LEU A 42 15.34 32.62 -7.45
N THR A 43 15.44 33.78 -8.10
CA THR A 43 15.94 33.82 -9.49
C THR A 43 17.28 33.12 -9.65
N ASN A 44 18.24 33.37 -8.70
CA ASN A 44 19.58 32.77 -8.82
C ASN A 44 19.53 31.27 -8.70
N LEU A 45 18.77 30.77 -7.74
CA LEU A 45 18.55 29.34 -7.59
C LEU A 45 17.89 28.73 -8.84
N ALA A 46 16.83 29.37 -9.33
CA ALA A 46 16.12 28.82 -10.50
C ALA A 46 17.02 28.82 -11.72
N ASP A 47 17.84 29.88 -11.88
CA ASP A 47 18.76 29.92 -13.04
C ASP A 47 19.75 28.76 -13.03
N ARG A 48 20.23 28.39 -11.86
CA ARG A 48 21.19 27.31 -11.76
C ARG A 48 20.53 25.95 -11.87
N GLU A 49 19.34 25.79 -11.26
CA GLU A 49 18.55 24.60 -11.47
C GLU A 49 18.29 24.37 -12.95
N LEU A 50 18.11 25.42 -13.73
CA LEU A 50 17.75 25.21 -15.16
C LEU A 50 18.79 24.41 -15.93
N VAL A 51 20.06 24.70 -15.72
CA VAL A 51 21.13 23.98 -16.44
C VAL A 51 20.98 22.47 -16.23
N HIS A 52 20.80 22.07 -14.97
CA HIS A 52 20.70 20.67 -14.63
C HIS A 52 19.40 20.10 -15.13
N MET A 53 18.37 20.95 -15.29
CA MET A 53 17.11 20.49 -15.87
C MET A 53 17.29 20.07 -17.33
N ILE A 54 18.03 20.86 -18.12
CA ILE A 54 18.33 20.45 -19.51
C ILE A 54 19.11 19.14 -19.55
N ASN A 55 20.07 18.93 -18.65
CA ASN A 55 20.77 17.65 -18.60
C ASN A 55 19.80 16.49 -18.32
N TRP A 56 18.93 16.69 -17.34
CA TRP A 56 17.91 15.73 -17.00
C TRP A 56 17.01 15.47 -18.18
N ALA A 57 16.52 16.55 -18.81
CA ALA A 57 15.61 16.38 -19.97
C ALA A 57 16.21 15.48 -21.04
N LYS A 58 17.50 15.68 -21.34
CA LYS A 58 18.13 14.94 -22.42
C LYS A 58 18.15 13.45 -22.13
N ARG A 59 18.00 13.06 -20.87
CA ARG A 59 18.00 11.66 -20.46
C ARG A 59 16.59 11.10 -20.26
N VAL A 60 15.54 11.90 -20.44
CA VAL A 60 14.18 11.39 -20.40
C VAL A 60 13.98 10.62 -21.70
N PRO A 61 13.71 9.30 -21.64
CA PRO A 61 13.61 8.50 -22.87
C PRO A 61 12.65 9.13 -23.89
N GLY A 62 13.12 9.21 -25.13
CA GLY A 62 12.37 9.82 -26.19
C GLY A 62 12.65 11.29 -26.43
N PHE A 63 13.13 12.04 -25.43
CA PHE A 63 13.24 13.48 -25.57
C PHE A 63 14.19 13.85 -26.69
N VAL A 64 15.39 13.25 -26.72
CA VAL A 64 16.37 13.54 -27.77
C VAL A 64 16.01 13.02 -29.15
N ASP A 65 14.94 12.22 -29.30
CA ASP A 65 14.52 11.82 -30.65
C ASP A 65 13.83 12.98 -31.36
N LEU A 66 13.41 13.99 -30.63
CA LEU A 66 12.75 15.16 -31.20
C LEU A 66 13.78 16.13 -31.75
N THR A 67 13.30 16.99 -32.66
CA THR A 67 14.17 18.04 -33.17
C THR A 67 14.54 19.02 -32.08
N SER A 68 15.65 19.73 -32.27
CA SER A 68 16.09 20.72 -31.29
C SER A 68 15.01 21.77 -31.05
N HIS A 69 14.36 22.21 -32.13
CA HIS A 69 13.26 23.18 -32.01
C HIS A 69 12.13 22.66 -31.11
N ASP A 70 11.71 21.42 -31.27
CA ASP A 70 10.63 20.88 -30.46
C ASP A 70 11.08 20.65 -29.04
N GLN A 71 12.37 20.29 -28.83
CA GLN A 71 12.89 20.14 -27.47
C GLN A 71 12.83 21.47 -26.72
N VAL A 72 13.29 22.55 -27.33
CA VAL A 72 13.20 23.86 -26.69
C VAL A 72 11.75 24.23 -26.42
N HIS A 73 10.84 24.04 -27.40
CA HIS A 73 9.44 24.36 -27.19
C HIS A 73 8.88 23.66 -25.96
N LEU A 74 9.20 22.36 -25.77
CA LEU A 74 8.71 21.64 -24.59
C LEU A 74 9.31 22.20 -23.30
N LEU A 75 10.56 22.58 -23.31
CA LEU A 75 11.12 23.18 -22.13
C LEU A 75 10.57 24.58 -21.87
N GLU A 76 10.34 25.37 -22.93
CA GLU A 76 9.72 26.69 -22.72
C GLU A 76 8.40 26.53 -21.98
N CYS A 77 7.59 25.56 -22.38
CA CYS A 77 6.30 25.40 -21.77
C CYS A 77 6.36 24.77 -20.37
N ALA A 78 7.36 23.95 -20.08
CA ALA A 78 7.36 23.11 -18.87
C ALA A 78 8.26 23.58 -17.74
N TRP A 79 9.20 24.48 -17.98
CA TRP A 79 10.29 24.64 -17.02
C TRP A 79 9.77 25.02 -15.64
N LEU A 80 8.84 25.94 -15.56
CA LEU A 80 8.40 26.39 -14.24
C LEU A 80 7.57 25.32 -13.54
N GLU A 81 6.74 24.60 -14.27
CA GLU A 81 6.05 23.44 -13.69
C GLU A 81 7.04 22.42 -13.13
N ILE A 82 8.16 22.19 -13.84
CA ILE A 82 9.17 21.20 -13.44
C ILE A 82 9.87 21.68 -12.20
N LEU A 83 10.25 22.96 -12.13
CA LEU A 83 10.81 23.49 -10.90
C LEU A 83 9.83 23.38 -9.72
N MET A 84 8.54 23.62 -9.99
CA MET A 84 7.54 23.60 -8.91
C MET A 84 7.29 22.20 -8.40
N ILE A 85 7.18 21.21 -9.28
CA ILE A 85 6.97 19.85 -8.77
C ILE A 85 8.18 19.37 -7.96
N GLY A 86 9.39 19.75 -8.37
CA GLY A 86 10.58 19.52 -7.59
C GLY A 86 10.50 20.16 -6.22
N LEU A 87 10.03 21.41 -6.17
CA LEU A 87 9.86 22.09 -4.89
C LEU A 87 8.88 21.35 -3.99
N VAL A 88 7.75 20.96 -4.56
CA VAL A 88 6.70 20.32 -3.78
C VAL A 88 7.17 18.98 -3.25
N TRP A 89 7.96 18.24 -4.06
CA TRP A 89 8.53 16.96 -3.64
C TRP A 89 9.51 17.16 -2.49
N ARG A 90 10.45 18.09 -2.63
CA ARG A 90 11.40 18.40 -1.57
C ARG A 90 10.68 18.80 -0.30
N SER A 91 9.50 19.37 -0.40
CA SER A 91 8.81 19.96 0.76
C SER A 91 7.85 19.00 1.48
N MET A 92 7.69 17.76 0.99
CA MET A 92 6.66 16.89 1.54
C MET A 92 6.82 16.69 3.04
N GLU A 93 8.04 16.42 3.48
CA GLU A 93 8.25 16.11 4.88
C GLU A 93 8.45 17.37 5.75
N HIS A 94 8.01 18.52 5.29
CA HIS A 94 8.17 19.79 6.01
C HIS A 94 6.84 20.54 5.92
N PRO A 95 5.82 20.05 6.60
CA PRO A 95 4.50 20.66 6.51
C PRO A 95 4.54 22.14 6.86
N GLY A 96 3.75 22.92 6.14
CA GLY A 96 3.69 24.36 6.36
C GLY A 96 4.90 25.11 5.83
N LYS A 97 5.79 24.46 5.05
CA LYS A 97 7.07 25.06 4.68
C LYS A 97 7.44 24.60 3.26
N LEU A 98 8.16 25.45 2.56
CA LEU A 98 8.64 25.15 1.22
C LEU A 98 10.16 25.10 1.28
N LEU A 99 10.71 23.93 0.93
CA LEU A 99 12.15 23.69 0.97
C LEU A 99 12.72 24.03 -0.40
N PHE A 100 12.88 25.32 -0.64
CA PHE A 100 13.51 25.75 -1.89
C PHE A 100 14.91 25.17 -2.02
N ALA A 101 15.69 25.14 -0.91
CA ALA A 101 16.97 24.46 -0.84
C ALA A 101 17.20 24.03 0.59
N PRO A 102 18.16 23.13 0.83
CA PRO A 102 18.35 22.68 2.20
C PRO A 102 18.64 23.82 3.17
N ASN A 103 19.16 24.91 2.64
CA ASN A 103 19.47 26.08 3.44
C ASN A 103 18.50 27.23 3.15
N LEU A 104 17.31 26.93 2.53
CA LEU A 104 16.29 27.96 2.26
C LEU A 104 14.92 27.33 2.42
N LEU A 105 14.46 27.31 3.66
CA LEU A 105 13.20 26.70 4.06
C LEU A 105 12.30 27.83 4.49
N LEU A 106 11.27 28.10 3.72
CA LEU A 106 10.41 29.26 3.91
C LEU A 106 9.00 28.85 4.30
N ASP A 107 8.45 29.56 5.29
CA ASP A 107 7.05 29.37 5.61
C ASP A 107 6.21 30.45 4.92
N ARG A 108 4.90 30.29 5.06
CA ARG A 108 3.94 31.18 4.43
C ARG A 108 4.22 32.67 4.68
N ASN A 109 4.50 33.04 5.92
CA ASN A 109 4.62 34.46 6.24
C ASN A 109 5.73 35.10 5.44
N GLN A 110 6.77 34.31 5.18
CA GLN A 110 7.83 34.67 4.26
C GLN A 110 7.44 34.89 2.82
N GLY A 111 6.37 34.24 2.36
CA GLY A 111 5.88 34.52 1.02
C GLY A 111 5.34 35.92 0.89
N LYS A 112 4.81 36.48 1.98
CA LYS A 112 4.19 37.80 1.92
C LYS A 112 5.18 38.88 1.52
N CYS A 113 6.47 38.62 1.66
CA CYS A 113 7.51 39.61 1.35
C CYS A 113 7.54 39.99 -0.12
N VAL A 114 6.98 39.17 -1.00
CA VAL A 114 6.81 39.51 -2.41
C VAL A 114 5.30 39.62 -2.64
N GLU A 115 4.83 40.82 -2.94
CA GLU A 115 3.39 41.03 -3.08
C GLU A 115 2.84 40.08 -4.14
N GLY A 116 1.78 39.34 -3.78
CA GLY A 116 1.17 38.38 -4.66
C GLY A 116 1.73 36.99 -4.58
N MET A 117 2.94 36.85 -4.06
CA MET A 117 3.56 35.54 -3.96
C MET A 117 2.79 34.62 -3.03
N VAL A 118 2.20 35.16 -1.97
CA VAL A 118 1.68 34.29 -0.92
C VAL A 118 0.59 33.40 -1.49
N GLU A 119 -0.15 33.89 -2.47
CA GLU A 119 -1.24 33.09 -2.99
C GLU A 119 -0.70 31.84 -3.71
N ILE A 120 0.39 31.98 -4.44
CA ILE A 120 1.05 30.82 -5.05
C ILE A 120 1.74 29.97 -3.99
N PHE A 121 2.35 30.62 -3.01
CA PHE A 121 2.91 29.92 -1.86
C PHE A 121 1.89 28.96 -1.22
N ASP A 122 0.68 29.44 -0.96
CA ASP A 122 -0.35 28.60 -0.36
C ASP A 122 -0.72 27.46 -1.30
N MET A 123 -0.78 27.72 -2.61
CA MET A 123 -1.08 26.65 -3.57
C MET A 123 0.01 25.58 -3.55
N LEU A 124 1.28 26.02 -3.48
CA LEU A 124 2.39 25.06 -3.44
C LEU A 124 2.32 24.21 -2.20
N LEU A 125 2.02 24.83 -1.05
CA LEU A 125 1.89 24.09 0.21
C LEU A 125 0.72 23.10 0.15
N ALA A 126 -0.39 23.50 -0.47
CA ALA A 126 -1.49 22.57 -0.63
C ALA A 126 -1.10 21.36 -1.48
N THR A 127 -0.30 21.56 -2.51
CA THR A 127 0.12 20.46 -3.36
C THR A 127 1.03 19.51 -2.60
N SER A 128 1.93 20.06 -1.78
CA SER A 128 2.82 19.21 -0.99
C SER A 128 2.04 18.42 0.05
N SER A 129 1.02 19.05 0.66
CA SER A 129 0.14 18.30 1.55
C SER A 129 -0.62 17.23 0.80
N ARG A 130 -1.01 17.50 -0.44
CA ARG A 130 -1.71 16.46 -1.21
C ARG A 130 -0.80 15.28 -1.50
N PHE A 131 0.47 15.54 -1.85
CA PHE A 131 1.39 14.44 -2.13
C PHE A 131 1.65 13.65 -0.87
N ARG A 132 1.74 14.34 0.28
CA ARG A 132 1.91 13.65 1.55
C ARG A 132 0.70 12.76 1.83
N MET A 133 -0.51 13.31 1.67
CA MET A 133 -1.70 12.52 1.88
C MET A 133 -1.70 11.25 1.02
N MET A 134 -1.30 11.38 -0.23
CA MET A 134 -1.29 10.25 -1.18
C MET A 134 -0.11 9.30 -0.98
N ASN A 135 0.83 9.62 -0.11
CA ASN A 135 2.10 8.90 0.00
C ASN A 135 2.77 8.74 -1.36
N LEU A 136 2.99 9.87 -2.03
CA LEU A 136 3.62 9.82 -3.33
C LEU A 136 4.99 9.19 -3.20
N GLN A 137 5.28 8.24 -4.07
CA GLN A 137 6.58 7.57 -4.09
C GLN A 137 7.53 8.23 -5.09
N GLY A 138 8.82 8.13 -4.76
CA GLY A 138 9.86 8.69 -5.62
C GLY A 138 9.77 8.20 -7.07
N GLU A 139 9.53 6.90 -7.23
CA GLU A 139 9.42 6.36 -8.59
C GLU A 139 8.24 6.99 -9.32
N GLU A 140 7.13 7.25 -8.60
CA GLU A 140 5.98 7.90 -9.22
C GLU A 140 6.30 9.36 -9.57
N PHE A 141 7.00 10.06 -8.67
CA PHE A 141 7.37 11.46 -8.86
C PHE A 141 8.15 11.64 -10.16
N VAL A 142 9.10 10.74 -10.45
CA VAL A 142 9.94 10.93 -11.63
C VAL A 142 9.11 10.71 -12.87
N CYS A 143 8.14 9.81 -12.81
CA CYS A 143 7.25 9.60 -13.93
C CYS A 143 6.42 10.85 -14.18
N LEU A 144 5.87 11.42 -13.13
CA LEU A 144 5.05 12.63 -13.26
C LEU A 144 5.86 13.76 -13.87
N LYS A 145 7.08 13.94 -13.37
CA LYS A 145 7.86 15.06 -13.84
C LYS A 145 8.17 14.90 -15.35
N SER A 146 8.38 13.66 -15.81
CA SER A 146 8.56 13.42 -17.24
C SER A 146 7.31 13.63 -18.05
N ILE A 147 6.15 13.27 -17.50
CA ILE A 147 4.87 13.60 -18.16
C ILE A 147 4.75 15.11 -18.40
N ILE A 148 5.08 15.93 -17.41
CA ILE A 148 4.97 17.39 -17.57
C ILE A 148 5.85 17.84 -18.72
N LEU A 149 7.07 17.31 -18.78
CA LEU A 149 8.00 17.72 -19.85
C LEU A 149 7.42 17.44 -21.23
N LEU A 150 6.85 16.24 -21.42
CA LEU A 150 6.40 15.83 -22.73
C LEU A 150 5.03 16.38 -23.05
N ASN A 151 4.16 16.54 -22.05
CA ASN A 151 2.78 16.94 -22.29
C ASN A 151 2.57 18.43 -22.37
N SER A 152 3.27 19.22 -21.55
CA SER A 152 2.87 20.61 -21.35
C SER A 152 2.88 21.38 -22.65
N GLY A 153 3.82 21.07 -23.54
CA GLY A 153 3.94 21.77 -24.80
C GLY A 153 3.52 20.97 -26.03
N VAL A 154 2.98 19.77 -25.84
CA VAL A 154 2.72 18.94 -27.01
C VAL A 154 1.56 19.51 -27.85
N TYR A 155 0.52 20.08 -27.20
CA TYR A 155 -0.66 20.52 -27.93
C TYR A 155 -0.44 21.81 -28.71
N THR A 156 0.69 22.48 -28.54
CA THR A 156 0.96 23.72 -29.25
C THR A 156 2.16 23.57 -30.17
N PHE A 157 2.47 22.34 -30.63
CA PHE A 157 3.37 22.19 -31.76
C PHE A 157 2.74 22.89 -32.95
N SER A 160 0.95 20.11 -39.31
CA SER A 160 1.18 20.77 -40.60
C SER A 160 1.87 19.91 -41.67
N THR A 161 2.96 19.23 -41.24
CA THR A 161 3.72 18.32 -42.06
C THR A 161 3.77 16.88 -41.45
N LEU A 162 4.09 15.97 -42.38
CA LEU A 162 4.23 14.57 -42.01
C LEU A 162 5.17 14.45 -40.82
N LYS A 163 6.31 15.14 -40.88
CA LYS A 163 7.26 15.06 -39.78
C LYS A 163 6.64 15.55 -38.48
N SER A 164 5.86 16.64 -38.54
CA SER A 164 5.29 17.21 -37.32
C SER A 164 4.29 16.24 -36.69
N LEU A 165 3.51 15.54 -37.52
CA LEU A 165 2.57 14.57 -36.97
C LEU A 165 3.32 13.38 -36.39
N GLU A 166 4.44 12.98 -37.03
CA GLU A 166 5.27 11.91 -36.46
C GLU A 166 5.87 12.31 -35.13
N GLU A 167 6.30 13.57 -34.98
CA GLU A 167 6.79 14.07 -33.69
C GLU A 167 5.72 13.93 -32.62
N LYS A 168 4.49 14.39 -32.91
CA LYS A 168 3.42 14.32 -31.93
C LYS A 168 3.08 12.87 -31.62
N ASP A 169 3.02 12.02 -32.67
CA ASP A 169 2.71 10.61 -32.42
C ASP A 169 3.76 9.96 -31.52
N HIS A 170 5.04 10.31 -31.74
CA HIS A 170 6.11 9.81 -30.90
C HIS A 170 5.95 10.26 -29.44
N ILE A 171 5.60 11.52 -29.24
CA ILE A 171 5.40 12.02 -27.89
C ILE A 171 4.29 11.25 -27.19
N HIS A 172 3.17 11.06 -27.87
CA HIS A 172 2.05 10.38 -27.25
C HIS A 172 2.36 8.94 -26.95
N ARG A 173 3.19 8.31 -27.80
CA ARG A 173 3.57 6.92 -27.54
C ARG A 173 4.47 6.82 -26.30
N VAL A 174 5.37 7.78 -26.11
CA VAL A 174 6.23 7.77 -24.94
C VAL A 174 5.41 8.04 -23.67
N LEU A 175 4.47 9.00 -23.77
CA LEU A 175 3.51 9.25 -22.69
C LEU A 175 2.71 7.99 -22.33
N ASP A 176 2.25 7.24 -23.34
CA ASP A 176 1.62 5.95 -23.05
C ASP A 176 2.55 5.00 -22.26
N LYS A 177 3.82 4.93 -22.65
CA LYS A 177 4.77 4.09 -21.95
C LYS A 177 4.94 4.53 -20.50
N ILE A 178 4.98 5.83 -20.26
CA ILE A 178 5.10 6.24 -18.86
C ILE A 178 3.82 5.88 -18.10
N THR A 179 2.64 6.04 -18.71
CA THR A 179 1.40 5.53 -18.11
C THR A 179 1.52 4.06 -17.73
N ASP A 180 1.94 3.23 -18.71
CA ASP A 180 2.19 1.81 -18.45
C ASP A 180 3.11 1.63 -17.24
N THR A 181 4.14 2.46 -17.15
CA THR A 181 5.13 2.36 -16.08
C THR A 181 4.52 2.70 -14.72
N LEU A 182 3.73 3.77 -14.65
CA LEU A 182 3.03 4.11 -13.41
C LEU A 182 2.12 2.97 -12.95
N ILE A 183 1.39 2.38 -13.88
CA ILE A 183 0.51 1.27 -13.54
C ILE A 183 1.32 0.08 -13.03
N HIS A 184 2.41 -0.25 -13.73
CA HIS A 184 3.27 -1.34 -13.33
C HIS A 184 3.71 -1.15 -11.89
N LEU A 185 4.17 0.07 -11.57
CA LEU A 185 4.64 0.35 -10.21
C LEU A 185 3.53 0.10 -9.20
N MET A 186 2.31 0.50 -9.55
CA MET A 186 1.17 0.41 -8.64
C MET A 186 0.77 -1.05 -8.45
N ALA A 187 0.67 -1.80 -9.57
CA ALA A 187 0.35 -3.22 -9.48
C ALA A 187 1.42 -3.99 -8.70
N LYS A 188 2.66 -3.67 -8.98
CA LYS A 188 3.79 -4.31 -8.31
C LYS A 188 3.78 -4.02 -6.81
N ALA A 189 3.23 -2.88 -6.40
CA ALA A 189 3.10 -2.54 -5.00
C ALA A 189 1.95 -3.30 -4.33
N GLY A 190 1.05 -3.93 -5.10
CA GLY A 190 -0.05 -4.71 -4.54
C GLY A 190 -1.41 -4.04 -4.66
N LEU A 191 -1.51 -2.88 -5.28
CA LEU A 191 -2.79 -2.21 -5.44
C LEU A 191 -3.71 -3.02 -6.35
N THR A 192 -5.01 -3.05 -6.03
CA THR A 192 -5.96 -3.68 -6.93
C THR A 192 -6.08 -2.86 -8.23
N LEU A 193 -6.62 -3.48 -9.27
CA LEU A 193 -6.91 -2.74 -10.51
C LEU A 193 -7.76 -1.48 -10.25
N GLN A 194 -8.79 -1.60 -9.43
CA GLN A 194 -9.59 -0.42 -9.13
C GLN A 194 -8.73 0.65 -8.50
N GLN A 195 -7.95 0.28 -7.50
CA GLN A 195 -7.04 1.24 -6.86
C GLN A 195 -6.05 1.82 -7.86
N GLN A 196 -5.61 1.00 -8.80
CA GLN A 196 -4.58 1.43 -9.72
C GLN A 196 -5.08 2.57 -10.56
N HIS A 197 -6.26 2.37 -11.18
CA HIS A 197 -6.85 3.38 -12.03
C HIS A 197 -7.19 4.64 -11.22
N GLN A 198 -7.71 4.47 -10.04
CA GLN A 198 -8.07 5.61 -9.20
C GLN A 198 -6.85 6.46 -8.84
N ARG A 199 -5.75 5.80 -8.53
CA ARG A 199 -4.53 6.48 -8.12
C ARG A 199 -3.91 7.19 -9.31
N LEU A 200 -3.89 6.54 -10.48
CA LEU A 200 -3.41 7.18 -11.72
C LEU A 200 -4.18 8.47 -12.01
N ALA A 201 -5.50 8.41 -11.93
CA ALA A 201 -6.30 9.59 -12.18
C ALA A 201 -5.96 10.68 -11.16
N GLN A 202 -5.86 10.33 -9.89
CA GLN A 202 -5.59 11.31 -8.86
C GLN A 202 -4.26 12.00 -9.13
N LEU A 203 -3.24 11.24 -9.58
CA LEU A 203 -1.92 11.83 -9.81
C LEU A 203 -1.98 12.75 -11.01
N LEU A 204 -2.65 12.30 -12.10
CA LEU A 204 -2.71 13.13 -13.30
C LEU A 204 -3.53 14.41 -13.09
N LEU A 205 -4.59 14.36 -12.28
CA LEU A 205 -5.37 15.54 -11.98
C LEU A 205 -4.57 16.56 -11.18
N ILE A 206 -3.63 16.16 -10.33
CA ILE A 206 -2.76 17.13 -9.69
C ILE A 206 -1.96 17.91 -10.72
N LEU A 207 -1.61 17.30 -11.84
CA LEU A 207 -0.90 18.01 -12.91
C LEU A 207 -1.64 19.25 -13.39
N SER A 208 -2.98 19.20 -13.41
CA SER A 208 -3.76 20.37 -13.80
C SER A 208 -3.51 21.53 -12.83
N HIS A 209 -3.45 21.21 -11.54
CA HIS A 209 -3.19 22.23 -10.56
C HIS A 209 -1.77 22.81 -10.72
N ILE A 210 -0.78 21.97 -11.02
CA ILE A 210 0.59 22.47 -11.15
C ILE A 210 0.70 23.38 -12.35
N ARG A 211 0.01 23.05 -13.46
CA ARG A 211 -0.14 23.95 -14.58
C ARG A 211 -0.72 25.28 -14.16
N HIS A 212 -1.82 25.25 -13.40
CA HIS A 212 -2.44 26.47 -12.88
C HIS A 212 -1.42 27.32 -12.15
N MET A 213 -0.67 26.71 -11.22
CA MET A 213 0.31 27.48 -10.46
C MET A 213 1.36 28.06 -11.37
N SER A 214 1.82 27.27 -12.36
CA SER A 214 2.81 27.77 -13.30
C SER A 214 2.27 28.95 -14.09
N ASN A 215 1.02 28.87 -14.53
CA ASN A 215 0.41 30.00 -15.24
C ASN A 215 0.39 31.25 -14.35
N LYS A 216 -0.02 31.08 -13.09
CA LYS A 216 -0.13 32.21 -12.17
C LYS A 216 1.25 32.81 -11.89
N GLY A 217 2.25 31.97 -11.68
CA GLY A 217 3.59 32.45 -11.44
C GLY A 217 4.23 33.02 -12.68
N MET A 218 4.00 32.40 -13.84
CA MET A 218 4.52 33.00 -15.08
C MET A 218 3.97 34.39 -15.29
N GLU A 219 2.69 34.60 -14.97
CA GLU A 219 2.11 35.92 -15.10
C GLU A 219 2.97 36.96 -14.42
N HIS A 220 3.44 36.64 -13.23
CA HIS A 220 4.24 37.60 -12.47
C HIS A 220 5.66 37.72 -13.00
N LEU A 221 6.25 36.62 -13.47
CA LEU A 221 7.50 36.72 -14.21
C LEU A 221 7.33 37.62 -15.44
N TYR A 222 6.24 37.43 -16.19
CA TYR A 222 5.85 38.23 -17.37
C TYR A 222 6.40 37.59 -18.65
N VAL A 229 14.02 37.19 -16.25
CA VAL A 229 13.86 35.96 -15.47
C VAL A 229 13.50 34.78 -16.34
N VAL A 230 12.56 34.96 -17.27
CA VAL A 230 12.11 33.82 -18.07
C VAL A 230 13.23 33.44 -19.04
N PRO A 231 13.61 32.17 -19.10
CA PRO A 231 14.70 31.76 -20.03
C PRO A 231 14.26 31.87 -21.47
N SER A 232 15.10 32.51 -22.29
CA SER A 232 14.79 32.79 -23.69
C SER A 232 14.92 31.50 -24.51
N TYR A 233 14.23 31.47 -25.65
CA TYR A 233 14.44 30.41 -26.62
C TYR A 233 15.93 30.19 -26.87
N ASP A 234 16.66 31.28 -27.13
CA ASP A 234 18.08 31.16 -27.45
C ASP A 234 18.89 30.55 -26.31
N LEU A 235 18.60 30.96 -25.08
CA LEU A 235 19.31 30.38 -23.94
C LEU A 235 19.09 28.87 -23.88
N LEU A 236 17.82 28.45 -23.96
CA LEU A 236 17.54 27.02 -23.90
C LEU A 236 18.20 26.26 -25.05
N LEU A 237 18.11 26.79 -26.27
CA LEU A 237 18.78 26.15 -27.40
C LEU A 237 20.29 26.03 -27.15
N GLU A 238 20.93 27.11 -26.69
CA GLU A 238 22.37 27.04 -26.47
C GLU A 238 22.68 26.01 -25.38
N MET A 239 21.89 25.99 -24.32
CA MET A 239 22.12 24.99 -23.28
C MET A 239 21.94 23.56 -23.81
N LEU A 240 20.97 23.36 -24.72
CA LEU A 240 20.69 22.04 -25.24
C LEU A 240 21.80 21.54 -26.15
N ASP A 241 22.41 22.44 -26.92
CA ASP A 241 23.48 22.02 -27.81
C ASP A 241 24.75 21.75 -27.03
N ALA A 242 24.92 22.40 -25.89
CA ALA A 242 26.13 22.20 -25.07
C ALA A 242 26.05 20.84 -24.38
N LEU B 2 -25.99 9.36 -1.79
CA LEU B 2 -26.58 8.68 -2.94
C LEU B 2 -25.59 8.65 -4.07
N ALA B 3 -24.83 9.74 -4.22
CA ALA B 3 -23.89 9.85 -5.33
C ALA B 3 -22.87 8.72 -5.29
N LEU B 4 -22.45 8.30 -4.09
CA LEU B 4 -21.42 7.30 -3.96
C LEU B 4 -21.93 5.88 -4.18
N SER B 5 -23.25 5.69 -4.18
CA SER B 5 -23.84 4.40 -4.48
C SER B 5 -24.14 4.23 -5.96
N LEU B 6 -23.99 5.28 -6.76
CA LEU B 6 -24.36 5.17 -8.17
C LEU B 6 -23.43 4.20 -8.88
N THR B 7 -24.00 3.42 -9.79
CA THR B 7 -23.19 2.63 -10.72
C THR B 7 -22.69 3.52 -11.86
N ALA B 8 -21.79 2.96 -12.67
CA ALA B 8 -21.25 3.72 -13.81
C ALA B 8 -22.34 4.10 -14.79
N ASP B 9 -23.26 3.17 -15.05
CA ASP B 9 -24.39 3.44 -15.92
C ASP B 9 -25.30 4.53 -15.35
N GLN B 10 -25.48 4.55 -14.02
CA GLN B 10 -26.33 5.59 -13.43
C GLN B 10 -25.65 6.95 -13.51
N MET B 11 -24.34 6.97 -13.29
CA MET B 11 -23.58 8.19 -13.37
C MET B 11 -23.67 8.78 -14.77
N VAL B 12 -23.44 7.96 -15.79
CA VAL B 12 -23.49 8.41 -17.17
C VAL B 12 -24.88 8.94 -17.50
N SER B 13 -25.92 8.17 -17.14
CA SER B 13 -27.28 8.59 -17.41
C SER B 13 -27.57 9.92 -16.73
N ALA B 14 -27.17 10.08 -15.47
CA ALA B 14 -27.36 11.37 -14.81
C ALA B 14 -26.74 12.52 -15.61
N LEU B 15 -25.44 12.40 -15.88
CA LEU B 15 -24.72 13.48 -16.55
C LEU B 15 -25.31 13.75 -17.93
N LEU B 16 -25.67 12.71 -18.67
CA LEU B 16 -26.27 12.97 -19.99
C LEU B 16 -27.59 13.73 -19.87
N ASP B 17 -28.44 13.37 -18.90
CA ASP B 17 -29.70 14.08 -18.72
C ASP B 17 -29.51 15.52 -18.27
N ALA B 18 -28.42 15.81 -17.55
CA ALA B 18 -28.15 17.16 -17.10
C ALA B 18 -27.52 18.03 -18.18
N GLU B 19 -27.20 17.45 -19.35
CA GLU B 19 -26.47 18.23 -20.38
C GLU B 19 -27.27 19.47 -20.77
N PRO B 20 -26.66 20.64 -20.80
CA PRO B 20 -27.34 21.85 -21.29
C PRO B 20 -27.61 21.75 -22.76
N PRO B 21 -28.55 22.53 -23.27
CA PRO B 21 -28.74 22.61 -24.71
C PRO B 21 -27.65 23.41 -25.37
N ILE B 22 -27.59 23.29 -26.69
CA ILE B 22 -26.69 24.11 -27.50
C ILE B 22 -27.43 25.40 -27.84
N LEU B 23 -26.91 26.51 -27.38
CA LEU B 23 -27.56 27.79 -27.52
C LEU B 23 -27.13 28.49 -28.81
N TYR B 24 -27.98 29.37 -29.27
CA TYR B 24 -27.69 30.24 -30.42
C TYR B 24 -27.29 31.62 -29.94
N SER B 25 -26.45 32.29 -30.73
CA SER B 25 -26.22 33.70 -30.43
C SER B 25 -27.37 34.56 -30.94
N GLU B 26 -27.56 35.69 -30.27
CA GLU B 26 -28.67 36.60 -30.54
C GLU B 26 -28.20 37.61 -31.57
N TYR B 27 -28.62 37.39 -32.83
CA TYR B 27 -28.03 38.05 -33.99
C TYR B 27 -26.54 37.72 -34.14
N SER B 37 -20.98 43.63 -32.34
CA SER B 37 -19.57 43.30 -32.21
C SER B 37 -19.43 41.84 -31.83
N MET B 38 -18.29 41.24 -32.18
CA MET B 38 -18.07 39.84 -31.84
C MET B 38 -17.93 39.64 -30.33
N MET B 39 -17.16 40.49 -29.66
CA MET B 39 -17.05 40.38 -28.21
C MET B 39 -18.44 40.48 -27.57
N GLY B 40 -19.28 41.38 -28.07
CA GLY B 40 -20.64 41.50 -27.54
C GLY B 40 -21.43 40.21 -27.70
N LEU B 41 -21.39 39.62 -28.90
CA LEU B 41 -22.09 38.38 -29.15
C LEU B 41 -21.60 37.28 -28.22
N LEU B 42 -20.27 37.17 -28.03
CA LEU B 42 -19.73 36.10 -27.22
C LEU B 42 -20.04 36.31 -25.74
N THR B 43 -19.90 37.55 -25.24
CA THR B 43 -20.30 37.81 -23.86
C THR B 43 -21.77 37.45 -23.62
N ASN B 44 -22.66 37.91 -24.49
CA ASN B 44 -24.08 37.55 -24.37
C ASN B 44 -24.32 36.05 -24.38
N LEU B 45 -23.62 35.32 -25.26
CA LEU B 45 -23.74 33.84 -25.28
C LEU B 45 -23.21 33.21 -23.98
N ALA B 46 -22.02 33.61 -23.56
CA ALA B 46 -21.47 33.09 -22.31
C ALA B 46 -22.38 33.35 -21.14
N ASP B 47 -23.00 34.55 -21.08
CA ASP B 47 -23.90 34.89 -19.99
C ASP B 47 -25.11 33.96 -19.95
N ARG B 48 -25.68 33.66 -21.12
CA ARG B 48 -26.78 32.71 -21.15
C ARG B 48 -26.32 31.31 -20.85
N GLU B 49 -25.11 30.95 -21.29
CA GLU B 49 -24.52 29.65 -20.96
C GLU B 49 -24.30 29.50 -19.46
N LEU B 50 -23.93 30.60 -18.79
CA LEU B 50 -23.67 30.51 -17.36
C LEU B 50 -24.91 30.11 -16.57
N VAL B 51 -26.09 30.63 -16.97
CA VAL B 51 -27.34 30.30 -16.27
C VAL B 51 -27.60 28.79 -16.36
N HIS B 52 -27.41 28.20 -17.53
CA HIS B 52 -27.54 26.75 -17.66
C HIS B 52 -26.44 26.00 -16.87
N MET B 53 -25.25 26.58 -16.76
CA MET B 53 -24.18 25.86 -16.10
C MET B 53 -24.47 25.67 -14.61
N ILE B 54 -24.97 26.71 -13.92
CA ILE B 54 -25.39 26.53 -12.54
C ILE B 54 -26.39 25.43 -12.40
N ASN B 55 -27.37 25.41 -13.29
CA ASN B 55 -28.39 24.38 -13.12
C ASN B 55 -27.88 23.01 -13.54
N TRP B 56 -26.91 22.96 -14.44
CA TRP B 56 -26.21 21.70 -14.69
C TRP B 56 -25.37 21.28 -13.49
N ALA B 57 -24.63 22.22 -12.89
CA ALA B 57 -23.74 21.86 -11.80
C ALA B 57 -24.51 21.24 -10.64
N LYS B 58 -25.66 21.83 -10.30
CA LYS B 58 -26.53 21.29 -9.26
C LYS B 58 -26.94 19.85 -9.51
N ARG B 59 -26.88 19.41 -10.76
CA ARG B 59 -27.25 18.03 -11.13
C ARG B 59 -26.08 17.07 -11.25
N VAL B 60 -24.86 17.54 -11.05
CA VAL B 60 -23.70 16.65 -11.10
C VAL B 60 -23.72 15.88 -9.78
N PRO B 61 -23.76 14.56 -9.80
CA PRO B 61 -23.82 13.80 -8.54
C PRO B 61 -22.79 14.24 -7.51
N GLY B 62 -23.26 14.45 -6.28
CA GLY B 62 -22.37 14.88 -5.21
C GLY B 62 -22.20 16.38 -5.03
N PHE B 63 -22.52 17.19 -6.05
CA PHE B 63 -22.21 18.62 -5.98
C PHE B 63 -23.06 19.30 -4.95
N VAL B 64 -24.36 18.93 -4.86
CA VAL B 64 -25.26 19.59 -3.93
C VAL B 64 -25.07 19.10 -2.51
N ASP B 65 -24.27 18.05 -2.32
CA ASP B 65 -23.91 17.65 -0.94
C ASP B 65 -22.92 18.62 -0.30
N LEU B 66 -22.25 19.45 -1.10
CA LEU B 66 -21.29 20.40 -0.58
C LEU B 66 -21.99 21.63 -0.05
N THR B 67 -21.27 22.36 0.80
CA THR B 67 -21.82 23.64 1.27
C THR B 67 -22.00 24.57 0.06
N SER B 68 -22.81 25.60 0.26
CA SER B 68 -22.94 26.63 -0.76
C SER B 68 -21.59 27.29 -1.03
N HIS B 69 -20.82 27.55 0.04
CA HIS B 69 -19.52 28.20 -0.15
C HIS B 69 -18.60 27.35 -1.05
N ASP B 70 -18.60 26.06 -0.84
CA ASP B 70 -17.71 25.21 -1.64
C ASP B 70 -18.23 25.07 -3.08
N GLN B 71 -19.55 25.02 -3.24
CA GLN B 71 -20.11 25.02 -4.58
C GLN B 71 -19.66 26.24 -5.37
N VAL B 72 -19.76 27.42 -4.74
CA VAL B 72 -19.38 28.67 -5.41
C VAL B 72 -17.91 28.64 -5.74
N HIS B 73 -17.08 28.14 -4.81
CA HIS B 73 -15.63 28.14 -5.03
C HIS B 73 -15.27 27.25 -6.23
N LEU B 74 -15.91 26.08 -6.35
CA LEU B 74 -15.63 25.21 -7.50
C LEU B 74 -16.12 25.86 -8.78
N LEU B 75 -17.36 26.38 -8.78
CA LEU B 75 -17.84 27.05 -9.97
C LEU B 75 -16.94 28.23 -10.30
N GLU B 76 -16.28 28.75 -9.29
CA GLU B 76 -15.96 30.13 -9.46
C GLU B 76 -14.64 29.90 -10.29
N CYS B 77 -13.92 28.72 -9.94
CA CYS B 77 -12.63 28.26 -10.55
C CYS B 77 -12.77 27.52 -11.88
N ALA B 78 -13.89 26.84 -12.10
CA ALA B 78 -14.05 26.01 -13.29
C ALA B 78 -14.84 26.65 -14.44
N TRP B 79 -15.43 27.84 -14.27
CA TRP B 79 -16.46 28.25 -15.25
C TRP B 79 -15.89 28.39 -16.69
N LEU B 80 -14.75 29.05 -16.85
CA LEU B 80 -14.28 29.24 -18.22
C LEU B 80 -13.74 27.92 -18.81
N GLU B 81 -13.16 27.05 -18.02
CA GLU B 81 -12.79 25.71 -18.46
C GLU B 81 -13.99 24.90 -18.96
N ILE B 82 -15.12 24.98 -18.26
CA ILE B 82 -16.36 24.32 -18.70
C ILE B 82 -16.86 24.94 -20.01
N LEU B 83 -16.90 26.27 -20.09
CA LEU B 83 -17.26 26.90 -21.34
C LEU B 83 -16.38 26.38 -22.46
N MET B 84 -15.07 26.34 -22.24
CA MET B 84 -14.09 25.98 -23.29
C MET B 84 -14.21 24.53 -23.69
N ILE B 85 -14.47 23.64 -22.72
CA ILE B 85 -14.53 22.25 -23.10
C ILE B 85 -15.80 22.01 -23.85
N GLY B 86 -16.85 22.78 -23.57
CA GLY B 86 -18.07 22.64 -24.36
C GLY B 86 -17.84 23.13 -25.80
N LEU B 87 -17.16 24.26 -25.94
CA LEU B 87 -16.82 24.78 -27.26
C LEU B 87 -16.04 23.74 -28.08
N VAL B 88 -15.01 23.15 -27.49
CA VAL B 88 -14.13 22.21 -28.19
C VAL B 88 -14.90 20.98 -28.61
N TRP B 89 -15.81 20.49 -27.73
CA TRP B 89 -16.74 19.41 -28.08
C TRP B 89 -17.65 19.78 -29.25
N ARG B 90 -18.23 20.99 -29.23
CA ARG B 90 -19.13 21.40 -30.31
C ARG B 90 -18.42 21.46 -31.66
N SER B 91 -17.18 21.83 -31.66
CA SER B 91 -16.42 22.12 -32.86
C SER B 91 -15.69 20.88 -33.40
N MET B 92 -15.76 19.74 -32.71
CA MET B 92 -14.98 18.57 -33.16
C MET B 92 -15.11 18.31 -34.64
N GLU B 93 -16.35 18.26 -35.15
CA GLU B 93 -16.65 17.87 -36.51
C GLU B 93 -16.57 19.03 -37.48
N HIS B 94 -15.90 20.11 -37.11
CA HIS B 94 -15.70 21.28 -37.97
C HIS B 94 -14.20 21.64 -37.93
N PRO B 95 -13.37 20.84 -38.62
CA PRO B 95 -11.92 21.12 -38.58
C PRO B 95 -11.62 22.54 -39.03
N GLY B 96 -10.68 23.17 -38.33
CA GLY B 96 -10.33 24.54 -38.62
C GLY B 96 -11.29 25.62 -38.13
N LYS B 97 -12.42 25.27 -37.53
CA LYS B 97 -13.37 26.26 -37.06
C LYS B 97 -13.82 25.99 -35.63
N LEU B 98 -14.22 27.06 -34.92
CA LEU B 98 -14.77 26.97 -33.57
C LEU B 98 -16.24 27.29 -33.63
N LEU B 99 -17.06 26.31 -33.18
CA LEU B 99 -18.53 26.43 -33.22
C LEU B 99 -19.02 27.02 -31.91
N PHE B 100 -18.80 28.33 -31.77
CA PHE B 100 -19.32 29.03 -30.60
C PHE B 100 -20.82 28.80 -30.47
N ALA B 101 -21.53 28.90 -31.61
CA ALA B 101 -22.95 28.60 -31.71
C ALA B 101 -23.24 28.21 -33.14
N PRO B 102 -24.34 27.50 -33.37
CA PRO B 102 -24.60 27.05 -34.76
C PRO B 102 -24.70 28.17 -35.74
N ASN B 103 -25.03 29.38 -35.28
CA ASN B 103 -25.03 30.59 -36.08
C ASN B 103 -23.84 31.47 -35.75
N LEU B 104 -22.81 30.95 -35.08
CA LEU B 104 -21.60 31.70 -34.83
C LEU B 104 -20.40 30.74 -34.94
N LEU B 105 -20.08 30.37 -36.17
CA LEU B 105 -18.97 29.48 -36.45
C LEU B 105 -17.82 30.32 -36.99
N LEU B 106 -16.69 30.27 -36.30
CA LEU B 106 -15.53 31.12 -36.58
C LEU B 106 -14.32 30.33 -37.06
N ASP B 107 -13.59 30.91 -38.00
CA ASP B 107 -12.28 30.43 -38.42
C ASP B 107 -11.22 31.32 -37.80
N ARG B 108 -9.96 30.86 -37.88
CA ARG B 108 -8.87 31.59 -37.24
C ARG B 108 -8.82 33.05 -37.70
N ASN B 109 -8.98 33.29 -39.00
CA ASN B 109 -8.81 34.66 -39.49
C ASN B 109 -9.75 35.62 -38.79
N GLN B 110 -10.82 35.13 -38.19
CA GLN B 110 -11.77 35.95 -37.46
C GLN B 110 -11.34 36.07 -36.00
N MET B 117 -5.16 36.77 -28.89
CA MET B 117 -6.43 36.25 -29.33
C MET B 117 -6.31 35.09 -30.31
N VAL B 118 -5.36 35.15 -31.24
CA VAL B 118 -5.35 34.05 -32.20
C VAL B 118 -4.64 32.87 -31.52
N GLU B 119 -3.68 33.16 -30.62
CA GLU B 119 -3.00 32.09 -29.88
C GLU B 119 -4.01 31.18 -29.17
N ILE B 120 -4.98 31.76 -28.47
CA ILE B 120 -5.97 30.98 -27.76
C ILE B 120 -6.89 30.25 -28.74
N PHE B 121 -7.26 30.92 -29.82
CA PHE B 121 -8.04 30.29 -30.87
C PHE B 121 -7.36 29.02 -31.37
N ASP B 122 -6.05 29.12 -31.67
CA ASP B 122 -5.27 27.98 -32.14
C ASP B 122 -5.20 26.89 -31.09
N MET B 123 -5.12 27.26 -29.82
CA MET B 123 -5.10 26.26 -28.76
C MET B 123 -6.43 25.54 -28.67
N LEU B 124 -7.54 26.28 -28.81
CA LEU B 124 -8.83 25.62 -28.80
C LEU B 124 -8.94 24.66 -29.96
N LEU B 125 -8.56 25.11 -31.18
CA LEU B 125 -8.55 24.27 -32.35
C LEU B 125 -7.77 22.98 -32.15
N ALA B 126 -6.55 23.08 -31.57
CA ALA B 126 -5.73 21.90 -31.32
C ALA B 126 -6.44 20.92 -30.41
N THR B 127 -7.13 21.44 -29.40
CA THR B 127 -7.85 20.56 -28.47
C THR B 127 -8.97 19.84 -29.18
N SER B 128 -9.69 20.52 -30.07
CA SER B 128 -10.73 19.87 -30.85
C SER B 128 -10.17 18.80 -31.77
N SER B 129 -9.02 19.09 -32.41
CA SER B 129 -8.36 18.06 -33.23
C SER B 129 -7.95 16.85 -32.40
N ARG B 130 -7.45 17.09 -31.20
CA ARG B 130 -7.07 15.98 -30.33
C ARG B 130 -8.27 15.12 -29.97
N PHE B 131 -9.39 15.75 -29.55
CA PHE B 131 -10.58 14.95 -29.27
C PHE B 131 -11.01 14.17 -30.51
N ARG B 132 -10.98 14.81 -31.67
CA ARG B 132 -11.28 14.13 -32.92
C ARG B 132 -10.36 12.94 -33.14
N MET B 133 -9.04 13.13 -33.01
CA MET B 133 -8.10 12.02 -33.21
C MET B 133 -8.39 10.87 -32.26
N MET B 134 -8.81 11.18 -31.03
CA MET B 134 -9.12 10.16 -30.05
C MET B 134 -10.52 9.58 -30.20
N ASN B 135 -11.35 10.15 -31.08
CA ASN B 135 -12.75 9.74 -31.19
C ASN B 135 -13.49 9.86 -29.86
N LEU B 136 -13.33 11.01 -29.21
CA LEU B 136 -13.94 11.20 -27.91
C LEU B 136 -15.45 10.99 -28.02
N GLN B 137 -16.01 10.21 -27.08
CA GLN B 137 -17.44 9.92 -27.06
C GLN B 137 -18.15 10.85 -26.09
N GLY B 138 -19.42 11.14 -26.40
CA GLY B 138 -20.17 12.05 -25.56
C GLY B 138 -20.23 11.63 -24.10
N GLU B 139 -20.28 10.30 -23.84
CA GLU B 139 -20.32 9.79 -22.48
C GLU B 139 -19.02 10.09 -21.76
N GLU B 140 -17.90 9.99 -22.47
CA GLU B 140 -16.62 10.43 -21.95
C GLU B 140 -16.58 11.93 -21.74
N PHE B 141 -17.11 12.70 -22.68
CA PHE B 141 -17.14 14.16 -22.57
C PHE B 141 -17.85 14.64 -21.31
N VAL B 142 -19.00 14.05 -21.00
CA VAL B 142 -19.73 14.58 -19.87
C VAL B 142 -18.99 14.26 -18.59
N CYS B 143 -18.30 13.09 -18.54
CA CYS B 143 -17.53 12.73 -17.35
C CYS B 143 -16.33 13.67 -17.12
N LEU B 144 -15.64 14.02 -18.21
CA LEU B 144 -14.55 14.98 -18.13
C LEU B 144 -15.01 16.38 -17.66
N LYS B 145 -16.12 16.86 -18.19
CA LYS B 145 -16.67 18.15 -17.80
C LYS B 145 -17.09 18.17 -16.34
N SER B 146 -17.59 17.04 -15.83
CA SER B 146 -17.81 16.91 -14.38
C SER B 146 -16.51 16.90 -13.56
N ILE B 147 -15.45 16.24 -14.06
CA ILE B 147 -14.16 16.22 -13.42
C ILE B 147 -13.61 17.63 -13.27
N ILE B 148 -13.70 18.44 -14.31
CA ILE B 148 -13.22 19.82 -14.23
C ILE B 148 -13.94 20.54 -13.10
N LEU B 149 -15.28 20.43 -13.08
CA LEU B 149 -16.06 21.12 -12.05
C LEU B 149 -15.53 20.78 -10.69
N LEU B 150 -15.39 19.50 -10.40
CA LEU B 150 -15.03 19.06 -9.03
C LEU B 150 -13.55 19.17 -8.73
N ASN B 151 -12.70 19.16 -9.74
CA ASN B 151 -11.26 19.12 -9.51
C ASN B 151 -10.60 20.48 -9.49
N SER B 152 -11.09 21.44 -10.28
CA SER B 152 -10.30 22.62 -10.57
C SER B 152 -10.09 23.46 -9.35
N GLY B 153 -11.06 23.49 -8.44
CA GLY B 153 -10.98 24.31 -7.25
C GLY B 153 -10.72 23.54 -5.98
N VAL B 154 -10.47 22.23 -6.05
CA VAL B 154 -10.42 21.42 -4.84
C VAL B 154 -9.12 21.66 -4.06
N TYR B 155 -8.02 21.98 -4.75
CA TYR B 155 -6.74 22.16 -4.10
C TYR B 155 -6.57 23.57 -3.55
N THR B 156 -7.56 24.43 -3.74
CA THR B 156 -7.49 25.79 -3.25
C THR B 156 -8.64 26.11 -2.32
N PHE B 157 -9.12 25.12 -1.55
CA PHE B 157 -10.09 25.46 -0.53
C PHE B 157 -9.48 26.13 0.73
N LYS B 163 -15.18 20.88 8.41
CA LYS B 163 -15.99 20.69 7.20
C LYS B 163 -15.14 20.64 5.94
N SER B 164 -14.22 21.59 5.78
CA SER B 164 -13.38 21.61 4.59
C SER B 164 -12.71 20.27 4.35
N LEU B 165 -12.27 19.62 5.44
CA LEU B 165 -11.66 18.30 5.31
C LEU B 165 -12.68 17.27 4.85
N GLU B 166 -13.85 17.26 5.47
CA GLU B 166 -14.91 16.34 5.07
C GLU B 166 -15.37 16.65 3.68
N GLU B 167 -15.37 17.93 3.29
CA GLU B 167 -15.79 18.35 1.95
C GLU B 167 -14.81 17.85 0.89
N LYS B 168 -13.51 18.04 1.12
CA LYS B 168 -12.50 17.58 0.18
C LYS B 168 -12.53 16.07 0.08
N ASP B 169 -12.75 15.38 1.20
CA ASP B 169 -12.81 13.93 1.11
C ASP B 169 -13.96 13.52 0.20
N HIS B 170 -15.14 14.12 0.40
CA HIS B 170 -16.30 13.81 -0.43
C HIS B 170 -16.00 14.05 -1.92
N ILE B 171 -15.39 15.19 -2.23
CA ILE B 171 -15.10 15.51 -3.62
C ILE B 171 -14.19 14.46 -4.24
N HIS B 172 -13.23 13.97 -3.49
CA HIS B 172 -12.29 13.03 -4.07
C HIS B 172 -12.92 11.65 -4.23
N ARG B 173 -13.86 11.28 -3.34
CA ARG B 173 -14.62 10.05 -3.55
C ARG B 173 -15.53 10.15 -4.78
N VAL B 174 -16.16 11.29 -5.01
CA VAL B 174 -16.96 11.45 -6.25
C VAL B 174 -16.07 11.39 -7.46
N LEU B 175 -14.88 12.01 -7.39
CA LEU B 175 -13.95 11.97 -8.48
C LEU B 175 -13.53 10.53 -8.78
N ASP B 176 -13.31 9.70 -7.73
CA ASP B 176 -13.00 8.30 -7.94
C ASP B 176 -14.16 7.58 -8.60
N LYS B 177 -15.38 7.88 -8.18
CA LYS B 177 -16.56 7.35 -8.86
C LYS B 177 -16.52 7.67 -10.36
N ILE B 178 -16.15 8.90 -10.72
CA ILE B 178 -16.12 9.25 -12.15
C ILE B 178 -15.00 8.53 -12.90
N THR B 179 -13.84 8.30 -12.25
CA THR B 179 -12.81 7.47 -12.83
C THR B 179 -13.35 6.07 -13.12
N ASP B 180 -13.92 5.45 -12.09
CA ASP B 180 -14.52 4.15 -12.26
C ASP B 180 -15.47 4.14 -13.46
N THR B 181 -16.30 5.19 -13.60
CA THR B 181 -17.26 5.26 -14.70
C THR B 181 -16.56 5.34 -16.05
N LEU B 182 -15.52 6.17 -16.16
CA LEU B 182 -14.72 6.23 -17.40
C LEU B 182 -14.14 4.86 -17.75
N ILE B 183 -13.62 4.15 -16.77
CA ILE B 183 -13.04 2.83 -17.03
C ILE B 183 -14.13 1.86 -17.44
N HIS B 184 -15.28 1.89 -16.76
CA HIS B 184 -16.38 1.02 -17.15
C HIS B 184 -16.80 1.28 -18.59
N LEU B 185 -16.97 2.55 -18.95
CA LEU B 185 -17.36 2.87 -20.32
C LEU B 185 -16.40 2.22 -21.32
N MET B 186 -15.10 2.36 -21.06
CA MET B 186 -14.07 1.85 -21.95
C MET B 186 -14.10 0.33 -22.01
N ALA B 187 -14.22 -0.34 -20.86
CA ALA B 187 -14.31 -1.77 -20.86
C ALA B 187 -15.52 -2.22 -21.67
N LYS B 188 -16.69 -1.60 -21.44
CA LYS B 188 -17.87 -1.93 -22.23
C LYS B 188 -17.63 -1.72 -23.74
N ALA B 189 -16.79 -0.77 -24.13
CA ALA B 189 -16.49 -0.55 -25.53
C ALA B 189 -15.51 -1.58 -26.09
N GLY B 190 -14.96 -2.45 -25.26
CA GLY B 190 -14.05 -3.49 -25.72
C GLY B 190 -12.57 -3.15 -25.61
N LEU B 191 -12.21 -2.05 -24.98
CA LEU B 191 -10.79 -1.74 -24.82
C LEU B 191 -10.11 -2.75 -23.88
N THR B 192 -8.91 -3.20 -24.25
CA THR B 192 -8.12 -4.02 -23.32
C THR B 192 -7.80 -3.22 -22.04
N LEU B 193 -7.26 -3.91 -21.03
CA LEU B 193 -6.99 -3.20 -19.82
C LEU B 193 -5.88 -2.18 -20.04
N GLN B 194 -4.86 -2.53 -20.81
CA GLN B 194 -3.83 -1.55 -21.09
C GLN B 194 -4.44 -0.32 -21.76
N GLN B 195 -5.28 -0.55 -22.76
CA GLN B 195 -5.90 0.55 -23.49
C GLN B 195 -6.74 1.42 -22.58
N GLN B 196 -7.47 0.78 -21.64
CA GLN B 196 -8.29 1.55 -20.72
C GLN B 196 -7.42 2.58 -19.96
N HIS B 197 -6.31 2.12 -19.38
CA HIS B 197 -5.56 3.06 -18.60
C HIS B 197 -4.85 4.07 -19.49
N GLN B 198 -4.36 3.64 -20.65
CA GLN B 198 -3.71 4.59 -21.54
C GLN B 198 -4.68 5.69 -21.93
N ARG B 199 -5.92 5.32 -22.32
CA ARG B 199 -6.89 6.33 -22.70
C ARG B 199 -7.32 7.20 -21.53
N LEU B 200 -7.45 6.61 -20.35
CA LEU B 200 -7.75 7.39 -19.16
C LEU B 200 -6.72 8.47 -18.92
N ALA B 201 -5.44 8.13 -19.06
CA ALA B 201 -4.36 9.10 -18.88
C ALA B 201 -4.36 10.12 -20.00
N GLN B 202 -4.73 9.69 -21.24
CA GLN B 202 -4.77 10.65 -22.36
C GLN B 202 -5.84 11.71 -22.13
N LEU B 203 -7.00 11.28 -21.63
CA LEU B 203 -8.09 12.20 -21.45
C LEU B 203 -7.76 13.21 -20.35
N LEU B 204 -7.26 12.73 -19.23
CA LEU B 204 -6.99 13.60 -18.13
C LEU B 204 -5.87 14.57 -18.45
N LEU B 205 -4.90 14.18 -19.30
CA LEU B 205 -3.78 15.08 -19.56
C LEU B 205 -4.26 16.25 -20.38
N ILE B 206 -5.30 16.04 -21.23
CA ILE B 206 -5.88 17.18 -21.93
C ILE B 206 -6.48 18.19 -20.95
N LEU B 207 -6.92 17.74 -19.77
CA LEU B 207 -7.44 18.67 -18.77
C LEU B 207 -6.39 19.66 -18.32
N SER B 208 -5.12 19.30 -18.37
CA SER B 208 -4.05 20.27 -18.08
C SER B 208 -3.91 21.31 -19.21
N HIS B 209 -4.24 20.93 -20.43
CA HIS B 209 -4.27 21.95 -21.51
C HIS B 209 -5.48 22.84 -21.43
N ILE B 210 -6.63 22.31 -21.01
CA ILE B 210 -7.81 23.13 -20.80
C ILE B 210 -7.55 24.15 -19.70
N ARG B 211 -6.86 23.75 -18.63
CA ARG B 211 -6.57 24.70 -17.58
C ARG B 211 -5.73 25.82 -18.12
N HIS B 212 -4.69 25.45 -18.88
CA HIS B 212 -3.78 26.42 -19.47
C HIS B 212 -4.56 27.43 -20.30
N MET B 213 -5.45 26.95 -21.16
CA MET B 213 -6.25 27.79 -22.04
C MET B 213 -7.18 28.69 -21.23
N SER B 214 -7.76 28.18 -20.13
CA SER B 214 -8.58 29.01 -19.27
C SER B 214 -7.79 30.16 -18.68
N ASN B 215 -6.62 29.86 -18.11
CA ASN B 215 -5.78 30.88 -17.52
C ASN B 215 -5.36 31.93 -18.56
N LYS B 216 -5.02 31.52 -19.78
CA LYS B 216 -4.71 32.52 -20.81
C LYS B 216 -5.97 33.31 -21.25
N GLY B 217 -7.14 32.64 -21.34
CA GLY B 217 -8.36 33.36 -21.65
C GLY B 217 -8.64 34.42 -20.62
N MET B 218 -8.49 34.06 -19.35
CA MET B 218 -8.69 34.95 -18.22
C MET B 218 -7.68 36.09 -18.27
N GLU B 219 -6.47 35.83 -18.74
CA GLU B 219 -5.48 36.89 -18.91
C GLU B 219 -5.87 37.78 -20.08
N HIS B 220 -6.44 37.17 -21.12
CA HIS B 220 -6.82 37.94 -22.30
C HIS B 220 -8.04 38.82 -22.03
N LEU B 221 -9.04 38.28 -21.32
CA LEU B 221 -10.17 39.09 -20.88
C LEU B 221 -9.69 40.35 -20.17
N TYR B 222 -8.73 40.19 -19.28
CA TYR B 222 -8.20 41.33 -18.52
C TYR B 222 -7.56 42.34 -19.45
N SER B 223 -6.66 41.87 -20.33
CA SER B 223 -5.98 42.79 -21.25
C SER B 223 -6.93 43.46 -22.25
N MET B 224 -8.11 42.90 -22.48
CA MET B 224 -9.14 43.57 -23.28
C MET B 224 -9.99 44.54 -22.45
N LYS B 225 -9.70 44.69 -21.15
CA LYS B 225 -10.44 45.62 -20.30
C LYS B 225 -11.84 45.09 -20.03
N CYS B 226 -11.96 43.77 -19.90
CA CYS B 226 -13.24 43.11 -19.68
C CYS B 226 -13.27 42.38 -18.34
N LYS B 227 -12.49 42.85 -17.35
CA LYS B 227 -12.51 42.20 -16.05
C LYS B 227 -13.92 42.14 -15.46
N ASN B 228 -14.86 42.92 -16.00
CA ASN B 228 -16.22 42.97 -15.44
C ASN B 228 -17.11 41.80 -15.86
N VAL B 229 -16.74 41.07 -16.92
CA VAL B 229 -17.57 39.95 -17.37
C VAL B 229 -17.31 38.64 -16.63
N VAL B 230 -16.25 38.59 -15.82
CA VAL B 230 -15.92 37.42 -15.01
C VAL B 230 -16.94 37.31 -13.90
N PRO B 231 -17.67 36.21 -13.75
CA PRO B 231 -18.64 36.15 -12.63
C PRO B 231 -17.93 36.20 -11.30
N SER B 232 -18.43 37.06 -10.40
CA SER B 232 -17.85 37.18 -9.07
C SER B 232 -18.35 36.07 -8.15
N TYR B 233 -17.71 35.95 -6.99
CA TYR B 233 -18.18 35.02 -5.97
C TYR B 233 -19.64 35.27 -5.60
N ASP B 234 -19.99 36.54 -5.39
CA ASP B 234 -21.35 36.88 -4.97
C ASP B 234 -22.36 36.58 -6.09
N LEU B 235 -21.98 36.81 -7.33
CA LEU B 235 -22.89 36.52 -8.42
C LEU B 235 -23.21 35.03 -8.43
N LEU B 236 -22.17 34.20 -8.35
CA LEU B 236 -22.36 32.75 -8.37
C LEU B 236 -23.22 32.30 -7.18
N LEU B 237 -22.90 32.81 -5.99
CA LEU B 237 -23.64 32.45 -4.79
C LEU B 237 -25.11 32.79 -4.97
N GLU B 238 -25.37 34.01 -5.43
CA GLU B 238 -26.75 34.40 -5.67
C GLU B 238 -27.43 33.54 -6.74
N MET B 239 -26.77 33.33 -7.88
CA MET B 239 -27.36 32.50 -8.93
C MET B 239 -27.67 31.09 -8.43
N LEU B 240 -26.80 30.57 -7.54
CA LEU B 240 -26.92 29.23 -7.01
C LEU B 240 -28.04 29.13 -5.99
N ASP B 241 -28.22 30.17 -5.17
CA ASP B 241 -29.31 30.18 -4.20
C ASP B 241 -30.66 30.38 -4.88
N ALA B 242 -30.68 30.96 -6.07
CA ALA B 242 -31.90 31.16 -6.82
C ALA B 242 -32.48 29.80 -7.20
N LEU C 2 14.68 -46.92 7.48
CA LEU C 2 13.40 -46.40 7.93
C LEU C 2 13.32 -44.89 7.68
N ALA C 3 12.51 -44.21 8.47
CA ALA C 3 12.10 -42.85 8.11
C ALA C 3 13.31 -41.91 7.97
N LEU C 4 14.26 -42.01 8.88
CA LEU C 4 15.33 -41.02 8.89
C LEU C 4 16.41 -41.30 7.83
N SER C 5 16.31 -42.41 7.13
CA SER C 5 17.21 -42.74 6.05
C SER C 5 16.73 -42.24 4.67
N LEU C 6 15.51 -41.71 4.57
CA LEU C 6 15.02 -41.23 3.29
C LEU C 6 15.84 -40.03 2.82
N THR C 7 16.06 -39.96 1.51
CA THR C 7 16.61 -38.76 0.92
C THR C 7 15.55 -37.67 0.83
N ALA C 8 15.96 -36.46 0.44
CA ALA C 8 14.98 -35.38 0.31
C ALA C 8 13.99 -35.72 -0.81
N ASP C 9 14.48 -36.28 -1.93
CA ASP C 9 13.57 -36.65 -3.02
C ASP C 9 12.58 -37.73 -2.61
N GLN C 10 13.02 -38.70 -1.78
CA GLN C 10 12.09 -39.75 -1.34
C GLN C 10 11.08 -39.19 -0.33
N MET C 11 11.48 -38.20 0.47
CA MET C 11 10.54 -37.55 1.39
C MET C 11 9.43 -36.83 0.63
N VAL C 12 9.79 -35.98 -0.32
CA VAL C 12 8.81 -35.25 -1.11
C VAL C 12 7.82 -36.20 -1.75
N SER C 13 8.34 -37.30 -2.38
CA SER C 13 7.48 -38.24 -3.08
C SER C 13 6.55 -38.93 -2.12
N ALA C 14 7.08 -39.34 -0.95
CA ALA C 14 6.22 -39.90 0.07
C ALA C 14 5.07 -38.95 0.43
N LEU C 15 5.40 -37.69 0.71
CA LEU C 15 4.39 -36.74 1.13
C LEU C 15 3.36 -36.50 0.03
N LEU C 16 3.82 -36.39 -1.22
CA LEU C 16 2.89 -36.14 -2.32
C LEU C 16 1.92 -37.32 -2.48
N ASP C 17 2.44 -38.56 -2.44
CA ASP C 17 1.59 -39.75 -2.58
C ASP C 17 0.60 -39.89 -1.43
N ALA C 18 0.90 -39.30 -0.29
CA ALA C 18 0.05 -39.43 0.89
C ALA C 18 -1.07 -38.41 0.96
N GLU C 19 -1.11 -37.44 0.04
CA GLU C 19 -2.05 -36.34 0.13
C GLU C 19 -3.47 -36.87 0.20
N PRO C 20 -4.33 -36.31 1.06
CA PRO C 20 -5.74 -36.79 1.12
C PRO C 20 -6.56 -36.22 -0.03
N PRO C 21 -7.77 -36.73 -0.26
CA PRO C 21 -8.63 -36.20 -1.33
C PRO C 21 -9.30 -34.90 -0.93
N ILE C 22 -9.74 -34.19 -1.95
CA ILE C 22 -10.61 -33.04 -1.79
C ILE C 22 -12.04 -33.53 -1.69
N LEU C 23 -12.73 -33.21 -0.59
CA LEU C 23 -14.11 -33.66 -0.43
C LEU C 23 -15.05 -32.56 -0.87
N TYR C 24 -16.30 -32.96 -1.12
CA TYR C 24 -17.38 -32.05 -1.45
C TYR C 24 -18.24 -31.81 -0.23
N SER C 25 -18.88 -30.64 -0.20
CA SER C 25 -19.81 -30.31 0.86
C SER C 25 -21.16 -30.96 0.55
N GLU C 26 -22.03 -31.04 1.56
CA GLU C 26 -23.38 -31.53 1.32
C GLU C 26 -23.98 -30.83 0.08
N TYR C 27 -24.55 -31.62 -0.81
CA TYR C 27 -25.04 -31.07 -2.06
C TYR C 27 -26.29 -30.24 -1.82
N ASP C 28 -26.47 -29.22 -2.65
CA ASP C 28 -27.67 -28.39 -2.66
C ASP C 28 -28.15 -27.99 -1.27
N PRO C 29 -27.32 -27.29 -0.50
CA PRO C 29 -27.77 -26.83 0.82
C PRO C 29 -28.84 -25.78 0.66
N THR C 30 -29.67 -25.66 1.70
CA THR C 30 -30.61 -24.56 1.75
C THR C 30 -29.81 -23.25 1.88
N ARG C 31 -30.03 -22.32 0.99
CA ARG C 31 -29.39 -21.03 1.11
C ARG C 31 -30.44 -19.95 1.08
N PRO C 32 -30.21 -18.81 1.75
CA PRO C 32 -29.05 -18.30 2.45
C PRO C 32 -28.80 -19.12 3.71
N PHE C 33 -27.56 -19.17 4.17
CA PHE C 33 -27.27 -19.96 5.36
C PHE C 33 -27.79 -19.26 6.61
N SER C 34 -28.24 -20.06 7.57
CA SER C 34 -28.36 -19.58 8.93
C SER C 34 -27.06 -19.89 9.64
N GLU C 35 -26.86 -19.24 10.77
CA GLU C 35 -25.66 -19.51 11.56
C GLU C 35 -25.54 -20.99 11.90
N ALA C 36 -26.65 -21.62 12.29
CA ALA C 36 -26.63 -23.05 12.61
C ALA C 36 -26.37 -23.91 11.38
N SER C 37 -26.96 -23.56 10.25
CA SER C 37 -26.83 -24.41 9.07
C SER C 37 -25.42 -24.31 8.50
N MET C 38 -24.87 -23.12 8.42
CA MET C 38 -23.49 -22.98 7.99
C MET C 38 -22.61 -23.82 8.87
N MET C 39 -22.76 -23.68 10.19
CA MET C 39 -21.97 -24.48 11.12
C MET C 39 -22.22 -25.96 10.88
N GLY C 40 -23.45 -26.34 10.60
CA GLY C 40 -23.76 -27.74 10.34
C GLY C 40 -22.99 -28.28 9.15
N LEU C 41 -22.96 -27.50 8.06
CA LEU C 41 -22.18 -27.86 6.88
C LEU C 41 -20.67 -27.93 7.20
N LEU C 42 -20.14 -26.93 7.87
CA LEU C 42 -18.68 -26.93 8.08
C LEU C 42 -18.27 -28.10 8.95
N THR C 43 -19.04 -28.37 10.01
CA THR C 43 -18.74 -29.48 10.93
C THR C 43 -18.77 -30.82 10.21
N ASN C 44 -19.77 -31.02 9.33
CA ASN C 44 -19.92 -32.28 8.59
C ASN C 44 -18.75 -32.45 7.62
N LEU C 45 -18.33 -31.38 6.96
CA LEU C 45 -17.15 -31.44 6.11
C LEU C 45 -15.90 -31.76 6.92
N ALA C 46 -15.76 -31.10 8.06
CA ALA C 46 -14.55 -31.27 8.89
C ALA C 46 -14.47 -32.71 9.41
N ASP C 47 -15.62 -33.25 9.85
CA ASP C 47 -15.69 -34.62 10.37
C ASP C 47 -15.29 -35.62 9.32
N ARG C 48 -15.75 -35.45 8.09
CA ARG C 48 -15.34 -36.36 7.02
C ARG C 48 -13.88 -36.16 6.62
N GLU C 49 -13.43 -34.92 6.58
CA GLU C 49 -12.02 -34.66 6.28
C GLU C 49 -11.12 -35.30 7.33
N LEU C 50 -11.55 -35.32 8.60
CA LEU C 50 -10.69 -35.87 9.66
C LEU C 50 -10.32 -37.34 9.43
N VAL C 51 -11.26 -38.14 8.92
CA VAL C 51 -10.99 -39.55 8.63
C VAL C 51 -9.79 -39.67 7.70
N HIS C 52 -9.80 -38.88 6.66
CA HIS C 52 -8.73 -38.93 5.68
C HIS C 52 -7.45 -38.33 6.22
N MET C 53 -7.54 -37.45 7.21
CA MET C 53 -6.33 -36.88 7.79
C MET C 53 -5.55 -37.94 8.57
N ILE C 54 -6.26 -38.79 9.27
CA ILE C 54 -5.58 -39.87 9.99
C ILE C 54 -4.86 -40.80 9.00
N ASN C 55 -5.50 -41.13 7.87
CA ASN C 55 -4.81 -41.93 6.85
C ASN C 55 -3.55 -41.23 6.37
N TRP C 56 -3.65 -39.92 6.15
CA TRP C 56 -2.50 -39.14 5.71
C TRP C 56 -1.42 -39.11 6.78
N ALA C 57 -1.83 -38.84 8.02
CA ALA C 57 -0.83 -38.77 9.07
C ALA C 57 -0.02 -40.06 9.16
N LYS C 58 -0.71 -41.19 9.08
CA LYS C 58 -0.05 -42.48 9.17
C LYS C 58 0.99 -42.71 8.09
N ARG C 59 0.93 -41.97 6.99
CA ARG C 59 1.91 -42.03 5.90
C ARG C 59 3.00 -40.96 5.97
N VAL C 60 2.94 -40.02 6.90
CA VAL C 60 4.01 -39.06 7.08
C VAL C 60 5.19 -39.83 7.66
N PRO C 61 6.35 -39.80 6.99
CA PRO C 61 7.48 -40.61 7.48
C PRO C 61 7.80 -40.28 8.93
N GLY C 62 7.94 -41.32 9.74
CA GLY C 62 8.23 -41.17 11.15
C GLY C 62 7.03 -41.21 12.06
N PHE C 63 5.83 -40.86 11.57
CA PHE C 63 4.68 -40.71 12.45
C PHE C 63 4.31 -42.03 13.11
N VAL C 64 4.32 -43.12 12.34
CA VAL C 64 3.94 -44.42 12.92
C VAL C 64 4.99 -45.01 13.86
N ASP C 65 6.20 -44.47 13.88
CA ASP C 65 7.21 -44.92 14.84
C ASP C 65 6.84 -44.53 16.26
N LEU C 66 6.02 -43.52 16.45
CA LEU C 66 5.64 -43.08 17.79
C LEU C 66 4.55 -43.99 18.36
N THR C 67 4.47 -44.00 19.69
CA THR C 67 3.41 -44.74 20.36
C THR C 67 2.05 -44.19 19.92
N SER C 68 1.02 -45.02 20.07
CA SER C 68 -0.32 -44.59 19.68
C SER C 68 -0.73 -43.38 20.49
N HIS C 69 -0.41 -43.38 21.79
CA HIS C 69 -0.71 -42.25 22.67
C HIS C 69 -0.12 -40.94 22.14
N ASP C 70 1.14 -40.97 21.73
CA ASP C 70 1.75 -39.76 21.21
C ASP C 70 1.20 -39.39 19.84
N GLN C 71 0.87 -40.36 19.01
CA GLN C 71 0.19 -40.06 17.75
C GLN C 71 -1.12 -39.29 17.97
N VAL C 72 -1.93 -39.76 18.91
CA VAL C 72 -3.16 -39.05 19.19
C VAL C 72 -2.85 -37.66 19.70
N HIS C 73 -1.84 -37.52 20.59
CA HIS C 73 -1.55 -36.23 21.16
C HIS C 73 -1.17 -35.23 20.09
N LEU C 74 -0.39 -35.65 19.10
CA LEU C 74 -0.05 -34.77 17.96
C LEU C 74 -1.29 -34.41 17.15
N LEU C 75 -2.19 -35.36 16.89
CA LEU C 75 -3.36 -34.99 16.10
C LEU C 75 -4.32 -34.05 16.86
N GLU C 76 -4.47 -34.27 18.18
CA GLU C 76 -5.31 -33.39 19.00
C GLU C 76 -4.83 -31.94 18.90
N CYS C 77 -3.53 -31.74 18.93
CA CYS C 77 -3.00 -30.40 18.87
C CYS C 77 -3.05 -29.80 17.48
N ALA C 78 -2.91 -30.60 16.45
CA ALA C 78 -2.67 -30.10 15.09
C ALA C 78 -3.91 -30.12 14.20
N TRP C 79 -5.00 -30.83 14.54
CA TRP C 79 -5.99 -31.11 13.51
C TRP C 79 -6.56 -29.82 12.92
N LEU C 80 -6.92 -28.84 13.76
CA LEU C 80 -7.52 -27.63 13.19
C LEU C 80 -6.52 -26.83 12.33
N GLU C 81 -5.25 -26.74 12.78
CA GLU C 81 -4.23 -26.10 11.92
C GLU C 81 -4.08 -26.83 10.57
N ILE C 82 -4.11 -28.15 10.57
CA ILE C 82 -4.06 -28.94 9.33
C ILE C 82 -5.25 -28.62 8.43
N LEU C 83 -6.47 -28.56 8.98
CA LEU C 83 -7.62 -28.27 8.13
C LEU C 83 -7.46 -26.87 7.56
N MET C 84 -6.98 -25.92 8.37
CA MET C 84 -6.81 -24.53 7.95
C MET C 84 -5.77 -24.41 6.86
N ILE C 85 -4.62 -25.08 6.96
CA ILE C 85 -3.63 -24.91 5.91
C ILE C 85 -4.10 -25.58 4.63
N GLY C 86 -4.82 -26.70 4.73
CA GLY C 86 -5.48 -27.23 3.56
C GLY C 86 -6.45 -26.25 2.92
N LEU C 87 -7.23 -25.56 3.74
CA LEU C 87 -8.18 -24.58 3.21
C LEU C 87 -7.44 -23.45 2.49
N VAL C 88 -6.36 -22.93 3.11
CA VAL C 88 -5.70 -21.77 2.50
C VAL C 88 -5.03 -22.17 1.19
N TRP C 89 -4.51 -23.39 1.11
CA TRP C 89 -3.95 -23.88 -0.15
C TRP C 89 -5.02 -23.99 -1.23
N ARG C 90 -6.19 -24.57 -0.92
CA ARG C 90 -7.24 -24.70 -1.89
C ARG C 90 -7.69 -23.34 -2.42
N SER C 91 -7.59 -22.32 -1.61
CA SER C 91 -8.14 -21.00 -1.88
C SER C 91 -7.17 -20.07 -2.56
N MET C 92 -5.89 -20.47 -2.66
CA MET C 92 -4.90 -19.51 -3.17
C MET C 92 -5.35 -18.88 -4.48
N GLU C 93 -5.95 -19.66 -5.35
CA GLU C 93 -6.30 -19.14 -6.66
C GLU C 93 -7.70 -18.56 -6.72
N HIS C 94 -8.27 -18.21 -5.58
CA HIS C 94 -9.59 -17.59 -5.48
C HIS C 94 -9.49 -16.37 -4.56
N PRO C 95 -8.92 -15.26 -5.05
CA PRO C 95 -8.77 -14.09 -4.18
C PRO C 95 -10.10 -13.64 -3.60
N GLY C 96 -10.08 -13.28 -2.32
CA GLY C 96 -11.28 -12.83 -1.66
C GLY C 96 -12.23 -13.93 -1.23
N LYS C 97 -11.91 -15.20 -1.49
CA LYS C 97 -12.82 -16.30 -1.18
C LYS C 97 -12.09 -17.47 -0.56
N LEU C 98 -12.84 -18.27 0.22
CA LEU C 98 -12.34 -19.48 0.85
C LEU C 98 -13.01 -20.69 0.23
N LEU C 99 -12.23 -21.53 -0.44
CA LEU C 99 -12.74 -22.72 -1.12
C LEU C 99 -12.78 -23.86 -0.12
N PHE C 100 -13.82 -23.85 0.72
CA PHE C 100 -13.98 -24.95 1.67
C PHE C 100 -14.10 -26.27 0.95
N ALA C 101 -14.73 -26.26 -0.24
CA ALA C 101 -14.98 -27.42 -1.08
C ALA C 101 -15.32 -26.94 -2.48
N PRO C 102 -15.11 -27.77 -3.50
CA PRO C 102 -15.37 -27.31 -4.86
C PRO C 102 -16.79 -26.76 -5.03
N ASN C 103 -17.74 -27.18 -4.21
CA ASN C 103 -19.11 -26.70 -4.25
C ASN C 103 -19.46 -25.82 -3.06
N LEU C 104 -18.45 -25.33 -2.33
CA LEU C 104 -18.67 -24.43 -1.19
C LEU C 104 -17.55 -23.40 -1.21
N LEU C 105 -17.72 -22.38 -2.02
CA LEU C 105 -16.80 -21.25 -2.15
C LEU C 105 -17.44 -20.03 -1.51
N LEU C 106 -16.87 -19.56 -0.42
CA LEU C 106 -17.46 -18.47 0.35
C LEU C 106 -16.58 -17.23 0.36
N ASP C 107 -17.24 -16.07 0.23
CA ASP C 107 -16.58 -14.79 0.40
C ASP C 107 -16.70 -14.32 1.85
N ARG C 108 -16.02 -13.20 2.11
CA ARG C 108 -16.01 -12.62 3.44
C ARG C 108 -17.41 -12.29 3.94
N ASN C 109 -18.31 -11.91 3.05
CA ASN C 109 -19.65 -11.52 3.47
C ASN C 109 -20.33 -12.68 4.19
N GLN C 110 -20.23 -13.89 3.63
CA GLN C 110 -20.89 -15.05 4.21
C GLN C 110 -20.26 -15.51 5.50
N GLY C 111 -19.03 -15.06 5.80
CA GLY C 111 -18.45 -15.38 7.10
C GLY C 111 -19.20 -14.71 8.23
N LYS C 112 -19.75 -13.52 7.98
CA LYS C 112 -20.53 -12.84 9.01
C LYS C 112 -21.81 -13.61 9.34
N CYS C 113 -22.22 -14.56 8.49
CA CYS C 113 -23.42 -15.31 8.83
C CYS C 113 -23.28 -15.99 10.18
N VAL C 114 -22.06 -16.35 10.57
CA VAL C 114 -21.81 -17.08 11.80
C VAL C 114 -20.92 -16.24 12.73
N GLU C 115 -21.51 -15.80 13.84
CA GLU C 115 -20.86 -15.79 15.16
C GLU C 115 -19.51 -15.08 15.23
N GLY C 116 -19.36 -13.97 14.54
CA GLY C 116 -18.09 -13.27 14.65
C GLY C 116 -16.91 -14.00 14.04
N MET C 117 -17.18 -15.00 13.20
CA MET C 117 -16.15 -15.77 12.50
C MET C 117 -15.52 -15.00 11.35
N VAL C 118 -16.04 -13.82 11.01
CA VAL C 118 -15.42 -13.02 9.95
C VAL C 118 -14.02 -12.63 10.33
N GLU C 119 -13.75 -12.43 11.63
CA GLU C 119 -12.39 -12.14 12.08
C GLU C 119 -11.42 -13.24 11.62
N ILE C 120 -11.76 -14.49 11.88
CA ILE C 120 -10.89 -15.59 11.50
C ILE C 120 -10.91 -15.79 10.00
N PHE C 121 -12.09 -15.75 9.42
CA PHE C 121 -12.04 -15.61 7.98
C PHE C 121 -11.27 -14.52 7.31
N ASP C 122 -11.19 -13.33 7.87
CA ASP C 122 -10.28 -12.37 7.30
C ASP C 122 -8.84 -12.87 7.41
N MET C 123 -8.50 -13.51 8.53
CA MET C 123 -7.13 -14.01 8.71
C MET C 123 -6.84 -15.13 7.74
N LEU C 124 -7.81 -16.01 7.47
CA LEU C 124 -7.53 -17.09 6.52
C LEU C 124 -7.28 -16.54 5.15
N LEU C 125 -8.03 -15.50 4.79
CA LEU C 125 -7.90 -14.82 3.50
C LEU C 125 -6.51 -14.19 3.36
N ALA C 126 -6.06 -13.54 4.43
CA ALA C 126 -4.72 -12.95 4.42
C ALA C 126 -3.63 -14.00 4.24
N THR C 127 -3.74 -15.14 4.92
CA THR C 127 -2.78 -16.23 4.73
C THR C 127 -2.75 -16.74 3.29
N SER C 128 -3.93 -16.92 2.69
CA SER C 128 -4.02 -17.36 1.30
C SER C 128 -3.43 -16.30 0.35
N SER C 129 -3.62 -15.01 0.66
CA SER C 129 -2.93 -13.96 -0.09
C SER C 129 -1.41 -14.03 0.07
N ARG C 130 -0.93 -14.23 1.30
CA ARG C 130 0.52 -14.34 1.51
C ARG C 130 1.10 -15.51 0.71
N PHE C 131 0.49 -16.70 0.79
CA PHE C 131 1.00 -17.85 0.03
C PHE C 131 0.99 -17.56 -1.45
N ARG C 132 -0.10 -16.97 -1.94
CA ARG C 132 -0.15 -16.57 -3.34
C ARG C 132 0.97 -15.59 -3.67
N MET C 133 1.29 -14.65 -2.78
CA MET C 133 2.34 -13.76 -3.19
C MET C 133 3.69 -14.47 -3.25
N MET C 134 3.97 -15.33 -2.28
CA MET C 134 5.17 -16.09 -2.25
C MET C 134 5.25 -17.15 -3.35
N ASN C 135 4.18 -17.37 -4.10
CA ASN C 135 4.10 -18.47 -5.07
C ASN C 135 4.43 -19.81 -4.41
N LEU C 136 3.79 -20.08 -3.27
CA LEU C 136 4.01 -21.34 -2.58
C LEU C 136 3.81 -22.49 -3.51
N GLN C 137 4.72 -23.44 -3.50
CA GLN C 137 4.66 -24.61 -4.37
C GLN C 137 4.10 -25.82 -3.63
N GLY C 138 3.37 -26.66 -4.39
CA GLY C 138 2.77 -27.87 -3.82
C GLY C 138 3.74 -28.68 -2.98
N GLU C 139 4.97 -28.87 -3.49
CA GLU C 139 5.94 -29.64 -2.73
C GLU C 139 6.28 -28.95 -1.42
N GLU C 140 6.29 -27.61 -1.40
CA GLU C 140 6.51 -26.87 -0.15
C GLU C 140 5.32 -26.99 0.80
N PHE C 141 4.09 -26.87 0.29
CA PHE C 141 2.89 -27.03 1.10
C PHE C 141 2.88 -28.36 1.85
N VAL C 142 3.20 -29.46 1.16
CA VAL C 142 3.13 -30.76 1.85
C VAL C 142 4.17 -30.86 2.95
N CYS C 143 5.35 -30.24 2.75
CA CYS C 143 6.36 -30.21 3.81
C CYS C 143 5.82 -29.43 5.02
N LEU C 144 5.17 -28.29 4.76
CA LEU C 144 4.67 -27.41 5.83
C LEU C 144 3.60 -28.11 6.66
N LYS C 145 2.70 -28.83 5.98
CA LYS C 145 1.62 -29.50 6.69
C LYS C 145 2.18 -30.57 7.60
N SER C 146 3.19 -31.28 7.12
CA SER C 146 3.82 -32.31 7.92
C SER C 146 4.53 -31.73 9.11
N ILE C 147 5.18 -30.59 8.92
CA ILE C 147 5.81 -29.89 10.05
C ILE C 147 4.77 -29.54 11.14
N ILE C 148 3.61 -29.01 10.75
CA ILE C 148 2.56 -28.72 11.73
C ILE C 148 2.16 -29.97 12.49
N LEU C 149 2.02 -31.11 11.81
CA LEU C 149 1.63 -32.36 12.47
C LEU C 149 2.63 -32.75 13.55
N LEU C 150 3.95 -32.70 13.20
CA LEU C 150 4.98 -33.11 14.15
C LEU C 150 5.30 -32.03 15.16
N ASN C 151 5.14 -30.75 14.82
CA ASN C 151 5.62 -29.70 15.73
C ASN C 151 4.60 -29.27 16.76
N SER C 152 3.33 -29.16 16.39
CA SER C 152 2.37 -28.45 17.21
C SER C 152 2.23 -29.05 18.59
N GLY C 153 2.25 -30.37 18.70
CA GLY C 153 2.11 -31.07 19.94
C GLY C 153 3.40 -31.53 20.59
N VAL C 154 4.55 -31.28 19.96
CA VAL C 154 5.77 -31.91 20.46
C VAL C 154 6.20 -31.28 21.80
N TYR C 155 5.95 -29.98 21.97
CA TYR C 155 6.46 -29.26 23.14
C TYR C 155 5.70 -29.61 24.40
N THR C 156 4.61 -30.35 24.30
CA THR C 156 3.88 -30.83 25.47
C THR C 156 3.95 -32.35 25.58
N PHE C 157 5.08 -32.92 25.17
CA PHE C 157 5.45 -34.28 25.55
C PHE C 157 6.27 -34.20 26.85
N LEU C 158 6.94 -35.32 27.14
CA LEU C 158 7.78 -35.69 28.28
C LEU C 158 8.53 -36.80 27.66
N SER C 160 10.26 -37.21 30.83
CA SER C 160 10.29 -37.73 32.17
C SER C 160 10.84 -39.14 32.29
N THR C 161 10.84 -39.84 31.17
CA THR C 161 11.39 -41.19 31.08
C THR C 161 12.37 -41.21 29.91
N LEU C 162 13.17 -42.26 29.84
CA LEU C 162 14.06 -42.42 28.70
C LEU C 162 13.24 -42.54 27.42
N LYS C 163 12.17 -43.35 27.46
CA LYS C 163 11.41 -43.60 26.24
C LYS C 163 10.86 -42.30 25.67
N SER C 164 10.44 -41.39 26.52
CA SER C 164 9.80 -40.19 26.02
C SER C 164 10.82 -39.17 25.55
N LEU C 165 12.03 -39.15 26.10
CA LEU C 165 13.08 -38.32 25.49
C LEU C 165 13.46 -38.83 24.11
N GLU C 166 13.45 -40.17 23.92
CA GLU C 166 13.68 -40.76 22.60
C GLU C 166 12.59 -40.39 21.62
N GLU C 167 11.34 -40.36 22.07
CA GLU C 167 10.23 -39.91 21.22
C GLU C 167 10.45 -38.48 20.73
N LYS C 168 10.73 -37.56 21.64
CA LYS C 168 10.91 -36.17 21.28
C LYS C 168 12.09 -36.03 20.33
N ASP C 169 13.20 -36.73 20.66
CA ASP C 169 14.39 -36.66 19.81
C ASP C 169 14.07 -37.13 18.39
N HIS C 170 13.27 -38.19 18.29
CA HIS C 170 12.88 -38.76 17.00
C HIS C 170 12.08 -37.76 16.18
N ILE C 171 11.15 -37.07 16.84
CA ILE C 171 10.34 -36.06 16.19
C ILE C 171 11.23 -34.93 15.67
N HIS C 172 12.18 -34.48 16.48
CA HIS C 172 13.04 -33.40 16.04
C HIS C 172 13.95 -33.80 14.90
N ARG C 173 14.39 -35.08 14.88
CA ARG C 173 15.15 -35.57 13.73
C ARG C 173 14.30 -35.64 12.46
N VAL C 174 13.04 -36.05 12.58
CA VAL C 174 12.20 -36.04 11.37
C VAL C 174 11.97 -34.62 10.89
N LEU C 175 11.71 -33.70 11.83
CA LEU C 175 11.53 -32.30 11.48
C LEU C 175 12.78 -31.75 10.80
N ASP C 176 13.97 -32.08 11.36
CA ASP C 176 15.22 -31.69 10.68
C ASP C 176 15.27 -32.23 9.25
N LYS C 177 14.78 -33.45 9.04
CA LYS C 177 14.78 -34.03 7.68
C LYS C 177 13.83 -33.27 6.76
N ILE C 178 12.71 -32.79 7.29
CA ILE C 178 11.77 -32.04 6.44
C ILE C 178 12.34 -30.68 6.15
N THR C 179 13.07 -30.09 7.11
CA THR C 179 13.80 -28.85 6.83
C THR C 179 14.81 -29.07 5.70
N ASP C 180 15.63 -30.13 5.80
CA ASP C 180 16.54 -30.47 4.70
C ASP C 180 15.80 -30.54 3.37
N THR C 181 14.61 -31.12 3.38
CA THR C 181 13.84 -31.31 2.16
C THR C 181 13.41 -30.00 1.57
N LEU C 182 12.87 -29.10 2.41
CA LEU C 182 12.47 -27.78 1.97
C LEU C 182 13.65 -27.05 1.34
N ILE C 183 14.81 -27.09 1.98
CA ILE C 183 15.97 -26.45 1.40
C ILE C 183 16.33 -27.09 0.06
N HIS C 184 16.32 -28.43 0.00
CA HIS C 184 16.66 -29.09 -1.25
C HIS C 184 15.76 -28.63 -2.38
N LEU C 185 14.46 -28.49 -2.10
CA LEU C 185 13.51 -28.05 -3.11
C LEU C 185 13.84 -26.64 -3.58
N MET C 186 14.16 -25.73 -2.64
CA MET C 186 14.46 -24.37 -3.03
C MET C 186 15.76 -24.29 -3.80
N ALA C 187 16.77 -25.05 -3.37
CA ALA C 187 18.06 -25.04 -4.07
C ALA C 187 17.92 -25.60 -5.47
N LYS C 188 17.18 -26.72 -5.61
CA LYS C 188 16.96 -27.30 -6.92
C LYS C 188 16.23 -26.34 -7.83
N ALA C 189 15.34 -25.51 -7.29
CA ALA C 189 14.64 -24.49 -8.07
C ALA C 189 15.51 -23.32 -8.45
N GLY C 190 16.70 -23.19 -7.87
CA GLY C 190 17.67 -22.19 -8.30
C GLY C 190 17.90 -21.03 -7.34
N LEU C 191 17.23 -21.01 -6.20
CA LEU C 191 17.43 -19.92 -5.26
C LEU C 191 18.85 -19.91 -4.72
N THR C 192 19.41 -18.72 -4.52
CA THR C 192 20.69 -18.63 -3.84
C THR C 192 20.55 -19.11 -2.40
N LEU C 193 21.68 -19.39 -1.77
CA LEU C 193 21.62 -19.76 -0.35
C LEU C 193 20.90 -18.70 0.49
N GLN C 194 21.27 -17.42 0.30
CA GLN C 194 20.59 -16.38 1.03
C GLN C 194 19.09 -16.47 0.83
N GLN C 195 18.65 -16.61 -0.43
CA GLN C 195 17.22 -16.69 -0.71
C GLN C 195 16.60 -17.91 -0.07
N GLN C 196 17.37 -19.01 -0.01
CA GLN C 196 16.86 -20.24 0.55
C GLN C 196 16.52 -20.09 2.02
N HIS C 197 17.44 -19.58 2.78
CA HIS C 197 17.22 -19.37 4.22
C HIS C 197 16.12 -18.35 4.46
N GLN C 198 16.05 -17.29 3.63
CA GLN C 198 15.03 -16.26 3.80
C GLN C 198 13.63 -16.80 3.54
N ARG C 199 13.48 -17.66 2.50
CA ARG C 199 12.18 -18.28 2.19
C ARG C 199 11.80 -19.30 3.26
N LEU C 200 12.76 -20.13 3.71
CA LEU C 200 12.49 -21.07 4.81
C LEU C 200 11.89 -20.31 5.98
N ALA C 201 12.54 -19.22 6.40
CA ALA C 201 12.03 -18.45 7.53
C ALA C 201 10.64 -17.88 7.29
N GLN C 202 10.42 -17.24 6.12
CA GLN C 202 9.11 -16.72 5.78
C GLN C 202 8.04 -17.82 5.91
N LEU C 203 8.33 -19.01 5.39
CA LEU C 203 7.34 -20.09 5.44
C LEU C 203 7.06 -20.52 6.89
N LEU C 204 8.10 -20.72 7.69
CA LEU C 204 7.90 -21.16 9.07
C LEU C 204 7.27 -20.08 9.96
N LEU C 205 7.53 -18.81 9.74
CA LEU C 205 6.84 -17.78 10.48
C LEU C 205 5.33 -17.74 10.12
N ILE C 206 4.94 -18.10 8.89
CA ILE C 206 3.49 -18.16 8.62
C ILE C 206 2.82 -19.23 9.48
N LEU C 207 3.57 -20.26 9.86
CA LEU C 207 3.03 -21.29 10.73
C LEU C 207 2.62 -20.72 12.08
N SER C 208 3.34 -19.71 12.54
CA SER C 208 2.96 -19.05 13.78
C SER C 208 1.60 -18.40 13.65
N HIS C 209 1.30 -17.80 12.48
CA HIS C 209 -0.02 -17.23 12.25
C HIS C 209 -1.11 -18.29 12.15
N ILE C 210 -0.83 -19.41 11.48
CA ILE C 210 -1.82 -20.49 11.40
C ILE C 210 -2.15 -21.01 12.79
N ARG C 211 -1.14 -21.08 13.68
CA ARG C 211 -1.34 -21.47 15.05
C ARG C 211 -2.29 -20.54 15.76
N HIS C 212 -2.06 -19.21 15.63
CA HIS C 212 -2.96 -18.19 16.14
C HIS C 212 -4.40 -18.42 15.68
N MET C 213 -4.61 -18.62 14.38
CA MET C 213 -5.94 -18.83 13.85
C MET C 213 -6.58 -20.06 14.47
N SER C 214 -5.81 -21.14 14.62
CA SER C 214 -6.33 -22.33 15.26
C SER C 214 -6.76 -22.06 16.68
N ASN C 215 -5.94 -21.34 17.45
CA ASN C 215 -6.29 -21.04 18.83
C ASN C 215 -7.59 -20.27 18.89
N LYS C 216 -7.75 -19.26 18.02
CA LYS C 216 -8.96 -18.44 18.00
C LYS C 216 -10.16 -19.26 17.59
N GLY C 217 -10.03 -20.07 16.54
CA GLY C 217 -11.14 -20.93 16.12
C GLY C 217 -11.43 -22.00 17.17
N MET C 218 -10.42 -22.53 17.82
CA MET C 218 -10.62 -23.55 18.82
C MET C 218 -11.40 -23.00 19.95
N GLU C 219 -11.18 -21.73 20.24
CA GLU C 219 -11.87 -21.05 21.26
C GLU C 219 -13.38 -21.17 21.02
N HIS C 220 -13.81 -20.86 19.81
CA HIS C 220 -15.23 -20.93 19.45
C HIS C 220 -15.77 -22.32 19.53
N LEU C 221 -15.08 -23.28 18.94
CA LEU C 221 -15.48 -24.66 19.05
C LEU C 221 -15.68 -25.06 20.51
N ASN C 228 -18.73 -32.86 21.84
CA ASN C 228 -18.92 -31.66 21.04
C ASN C 228 -18.21 -31.79 19.69
N VAL C 229 -18.11 -30.68 18.97
CA VAL C 229 -17.39 -30.63 17.69
C VAL C 229 -15.95 -31.11 17.74
N VAL C 230 -15.23 -30.87 18.82
CA VAL C 230 -13.81 -31.23 18.81
C VAL C 230 -13.67 -32.76 18.85
N PRO C 231 -12.80 -33.37 18.02
CA PRO C 231 -12.66 -34.83 18.06
C PRO C 231 -12.04 -35.27 19.39
N SER C 232 -12.67 -36.25 20.03
CA SER C 232 -12.18 -36.73 21.32
C SER C 232 -10.89 -37.54 21.16
N TYR C 233 -10.19 -37.71 22.27
CA TYR C 233 -9.05 -38.61 22.30
C TYR C 233 -9.45 -40.02 21.85
N ASP C 234 -10.58 -40.51 22.42
CA ASP C 234 -11.08 -41.83 22.04
C ASP C 234 -11.37 -41.94 20.55
N LEU C 235 -11.97 -40.90 19.96
CA LEU C 235 -12.28 -40.96 18.53
C LEU C 235 -11.00 -41.06 17.72
N LEU C 236 -10.02 -40.22 18.04
CA LEU C 236 -8.80 -40.21 17.24
C LEU C 236 -8.10 -41.54 17.34
N LEU C 237 -8.08 -42.12 18.56
CA LEU C 237 -7.38 -43.38 18.74
C LEU C 237 -7.99 -44.48 17.88
N GLU C 238 -9.21 -44.70 18.09
CA GLU C 238 -10.14 -45.56 17.42
C GLU C 238 -10.11 -45.38 15.81
N MET C 239 -9.94 -44.16 15.29
CA MET C 239 -9.60 -44.02 13.88
C MET C 239 -8.18 -44.52 13.57
N LEU C 240 -7.21 -44.24 14.47
CA LEU C 240 -5.83 -44.63 14.26
C LEU C 240 -5.65 -46.14 14.27
N ASP C 241 -6.33 -46.84 15.15
CA ASP C 241 -6.21 -48.31 15.18
C ASP C 241 -6.96 -48.97 14.03
N ALA C 242 -7.94 -48.30 13.46
CA ALA C 242 -8.68 -48.87 12.34
C ALA C 242 -7.79 -48.87 11.10
N SER D 1 15.83 2.82 4.17
CA SER D 1 15.91 2.52 5.59
C SER D 1 17.30 2.11 6.02
N LEU D 2 17.80 2.76 7.07
CA LEU D 2 19.09 2.36 7.63
C LEU D 2 19.12 0.95 8.22
N ALA D 3 17.98 0.39 8.64
CA ALA D 3 18.01 -0.99 9.13
C ALA D 3 18.46 -1.96 8.04
N LEU D 4 18.06 -1.71 6.80
CA LEU D 4 18.35 -2.63 5.71
C LEU D 4 19.79 -2.62 5.28
N SER D 5 20.60 -1.70 5.77
CA SER D 5 22.01 -1.65 5.43
C SER D 5 22.89 -2.17 6.55
N LEU D 6 22.30 -2.73 7.62
CA LEU D 6 23.13 -3.19 8.72
C LEU D 6 23.76 -4.54 8.39
N THR D 7 25.00 -4.73 8.85
CA THR D 7 25.55 -6.07 8.83
C THR D 7 24.88 -6.91 9.93
N ALA D 8 25.17 -8.23 9.92
CA ALA D 8 24.65 -9.06 11.02
C ALA D 8 25.25 -8.64 12.34
N ASP D 9 26.53 -8.28 12.33
CA ASP D 9 27.18 -7.85 13.57
C ASP D 9 26.62 -6.53 14.09
N GLN D 10 26.33 -5.58 13.22
CA GLN D 10 25.67 -4.34 13.61
C GLN D 10 24.24 -4.56 14.12
N MET D 11 23.49 -5.47 13.50
CA MET D 11 22.16 -5.78 13.96
C MET D 11 22.21 -6.40 15.36
N VAL D 12 23.10 -7.37 15.57
CA VAL D 12 23.21 -8.01 16.89
C VAL D 12 23.63 -6.98 17.93
N SER D 13 24.62 -6.13 17.60
CA SER D 13 25.04 -5.10 18.53
C SER D 13 23.88 -4.18 18.92
N ALA D 14 23.12 -3.71 17.92
CA ALA D 14 22.00 -2.83 18.19
C ALA D 14 21.02 -3.49 19.15
N LEU D 15 20.65 -4.76 18.86
CA LEU D 15 19.67 -5.49 19.65
C LEU D 15 20.17 -5.73 21.07
N LEU D 16 21.46 -6.06 21.22
CA LEU D 16 22.02 -6.28 22.55
C LEU D 16 22.06 -4.99 23.37
N ASP D 17 22.35 -3.86 22.74
CA ASP D 17 22.36 -2.58 23.43
C ASP D 17 20.98 -2.15 23.86
N ALA D 18 19.96 -2.55 23.15
CA ALA D 18 18.59 -2.17 23.43
C ALA D 18 17.92 -3.05 24.48
N GLU D 19 18.60 -4.08 24.95
CA GLU D 19 17.99 -5.03 25.87
C GLU D 19 17.51 -4.34 27.13
N PRO D 20 16.30 -4.60 27.59
CA PRO D 20 15.81 -4.01 28.88
C PRO D 20 16.50 -4.66 30.05
N PRO D 21 16.54 -4.00 31.20
CA PRO D 21 17.11 -4.62 32.39
C PRO D 21 16.23 -5.71 32.95
N ILE D 22 16.79 -6.51 33.83
CA ILE D 22 16.01 -7.49 34.57
C ILE D 22 15.46 -6.77 35.78
N LEU D 23 14.17 -6.63 35.84
CA LEU D 23 13.51 -5.96 36.92
C LEU D 23 13.23 -6.91 38.07
N TYR D 24 13.02 -6.30 39.22
CA TYR D 24 12.68 -7.00 40.45
C TYR D 24 11.23 -6.83 40.81
N SER D 25 10.70 -7.88 41.39
CA SER D 25 9.45 -7.81 42.09
C SER D 25 9.51 -6.78 43.22
N GLU D 26 8.41 -6.08 43.39
CA GLU D 26 8.27 -4.99 44.37
C GLU D 26 7.43 -5.51 45.52
N TYR D 27 8.13 -5.94 46.60
CA TYR D 27 7.26 -6.57 47.50
C TYR D 27 8.30 -6.30 48.63
N ASP D 28 8.00 -6.39 50.01
CA ASP D 28 9.20 -6.20 50.92
C ASP D 28 9.79 -7.53 51.42
N PRO D 29 11.11 -7.80 51.33
CA PRO D 29 11.61 -9.10 51.80
C PRO D 29 11.73 -9.24 53.31
N THR D 30 11.36 -8.24 54.12
CA THR D 30 11.43 -8.44 55.58
C THR D 30 10.07 -8.89 56.17
N SER D 37 0.38 -11.02 47.39
CA SER D 37 -0.52 -11.37 46.30
C SER D 37 0.18 -11.64 44.97
N MET D 38 -0.04 -12.75 44.27
CA MET D 38 1.06 -13.20 43.46
C MET D 38 0.64 -12.71 42.05
N MET D 39 -0.68 -12.70 41.80
CA MET D 39 -1.22 -12.02 40.64
C MET D 39 -0.92 -10.53 40.73
N GLY D 40 -1.14 -9.94 41.92
CA GLY D 40 -0.76 -8.55 42.10
C GLY D 40 0.71 -8.31 41.82
N LEU D 41 1.56 -9.21 42.34
CA LEU D 41 3.00 -9.10 42.12
C LEU D 41 3.32 -9.17 40.64
N LEU D 42 2.80 -10.19 39.94
CA LEU D 42 3.10 -10.36 38.53
C LEU D 42 2.47 -9.24 37.70
N THR D 43 1.25 -8.80 38.03
CA THR D 43 0.68 -7.64 37.30
C THR D 43 1.56 -6.40 37.45
N ASN D 44 1.97 -6.10 38.66
CA ASN D 44 2.87 -4.96 38.87
C ASN D 44 4.21 -5.13 38.13
N LEU D 45 4.80 -6.31 38.20
CA LEU D 45 6.02 -6.58 37.43
C LEU D 45 5.80 -6.35 35.93
N ALA D 46 4.74 -6.96 35.36
CA ALA D 46 4.48 -6.84 33.94
C ALA D 46 4.20 -5.40 33.52
N ASP D 47 3.52 -4.62 34.36
CA ASP D 47 3.27 -3.22 34.05
C ASP D 47 4.56 -2.42 33.96
N ARG D 48 5.52 -2.68 34.86
CA ARG D 48 6.81 -2.02 34.77
C ARG D 48 7.64 -2.56 33.63
N GLU D 49 7.52 -3.83 33.33
CA GLU D 49 8.18 -4.37 32.13
C GLU D 49 7.66 -3.75 30.83
N LEU D 50 6.36 -3.42 30.78
CA LEU D 50 5.78 -2.88 29.54
C LEU D 50 6.43 -1.53 29.17
N VAL D 51 6.74 -0.71 30.18
CA VAL D 51 7.36 0.59 29.91
C VAL D 51 8.72 0.39 29.23
N HIS D 52 9.51 -0.53 29.74
CA HIS D 52 10.79 -0.83 29.12
C HIS D 52 10.61 -1.45 27.73
N MET D 53 9.56 -2.25 27.53
CA MET D 53 9.33 -2.89 26.25
C MET D 53 9.05 -1.87 25.13
N ILE D 54 8.22 -0.86 25.42
CA ILE D 54 7.99 0.19 24.44
C ILE D 54 9.29 0.82 24.01
N ASN D 55 10.15 1.12 24.97
CA ASN D 55 11.39 1.82 24.62
C ASN D 55 12.44 0.89 24.04
N TRP D 56 12.38 -0.39 24.35
CA TRP D 56 13.14 -1.38 23.57
C TRP D 56 12.66 -1.43 22.12
N ALA D 57 11.33 -1.53 21.94
CA ALA D 57 10.78 -1.76 20.62
C ALA D 57 11.22 -0.66 19.67
N LYS D 58 11.21 0.58 20.17
CA LYS D 58 11.60 1.72 19.36
C LYS D 58 13.07 1.67 18.94
N ARG D 59 13.89 0.87 19.65
CA ARG D 59 15.28 0.68 19.33
C ARG D 59 15.56 -0.51 18.42
N VAL D 60 14.53 -1.30 18.08
CA VAL D 60 14.69 -2.43 17.16
C VAL D 60 14.82 -1.83 15.76
N PRO D 61 15.92 -2.10 15.04
CA PRO D 61 16.09 -1.47 13.72
C PRO D 61 14.88 -1.68 12.81
N GLY D 62 14.45 -0.62 12.19
CA GLY D 62 13.30 -0.66 11.31
C GLY D 62 11.96 -0.35 11.94
N PHE D 63 11.81 -0.51 13.26
CA PHE D 63 10.51 -0.35 13.91
C PHE D 63 10.06 1.08 13.87
N VAL D 64 10.97 2.04 14.09
CA VAL D 64 10.55 3.44 14.08
C VAL D 64 10.27 3.94 12.67
N ASP D 65 10.65 3.18 11.64
CA ASP D 65 10.31 3.59 10.29
C ASP D 65 8.81 3.44 10.00
N LEU D 66 8.11 2.68 10.81
CA LEU D 66 6.68 2.45 10.61
C LEU D 66 5.86 3.59 11.22
N THR D 67 4.62 3.73 10.76
CA THR D 67 3.68 4.67 11.35
C THR D 67 3.38 4.29 12.81
N SER D 68 2.93 5.29 13.58
CA SER D 68 2.51 5.05 14.97
C SER D 68 1.41 4.00 15.04
N HIS D 69 0.42 4.08 14.14
CA HIS D 69 -0.64 3.08 14.13
C HIS D 69 -0.08 1.67 13.99
N ASP D 70 0.81 1.47 13.01
CA ASP D 70 1.35 0.13 12.80
C ASP D 70 2.26 -0.29 13.95
N GLN D 71 3.02 0.63 14.54
CA GLN D 71 3.82 0.27 15.69
C GLN D 71 2.95 -0.26 16.83
N VAL D 72 1.81 0.38 17.06
CA VAL D 72 0.93 -0.05 18.12
C VAL D 72 0.32 -1.40 17.79
N HIS D 73 -0.04 -1.58 16.51
CA HIS D 73 -0.67 -2.83 16.13
C HIS D 73 0.28 -4.00 16.36
N LEU D 74 1.57 -3.81 16.06
CA LEU D 74 2.56 -4.84 16.29
C LEU D 74 2.71 -5.11 17.79
N LEU D 75 2.75 -4.06 18.60
CA LEU D 75 2.91 -4.24 20.03
C LEU D 75 1.71 -4.88 20.68
N GLU D 76 0.49 -4.48 20.28
CA GLU D 76 -0.66 -5.12 20.90
C GLU D 76 -0.73 -6.62 20.54
N CYS D 77 -0.25 -7.01 19.36
CA CYS D 77 -0.24 -8.44 19.03
C CYS D 77 0.91 -9.21 19.68
N ALA D 78 2.04 -8.57 19.96
CA ALA D 78 3.21 -9.26 20.48
C ALA D 78 3.48 -9.12 21.99
N TRP D 79 2.78 -8.26 22.74
CA TRP D 79 3.31 -7.90 24.06
C TRP D 79 3.45 -9.11 24.98
N LEU D 80 2.46 -10.01 24.99
CA LEU D 80 2.55 -11.15 25.91
C LEU D 80 3.56 -12.18 25.43
N GLU D 81 3.66 -12.40 24.13
CA GLU D 81 4.71 -13.27 23.60
C GLU D 81 6.11 -12.76 23.96
N ILE D 82 6.29 -11.44 24.04
CA ILE D 82 7.61 -10.84 24.36
C ILE D 82 7.92 -11.01 25.83
N LEU D 83 6.94 -10.73 26.69
CA LEU D 83 7.07 -11.03 28.12
C LEU D 83 7.42 -12.51 28.32
N MET D 84 6.68 -13.43 27.69
CA MET D 84 6.92 -14.84 27.87
C MET D 84 8.30 -15.24 27.42
N ILE D 85 8.80 -14.76 26.27
CA ILE D 85 10.08 -15.26 25.82
C ILE D 85 11.20 -14.72 26.70
N GLY D 86 11.03 -13.52 27.25
CA GLY D 86 11.98 -13.03 28.23
C GLY D 86 12.01 -13.91 29.47
N LEU D 87 10.81 -14.30 29.96
CA LEU D 87 10.71 -15.18 31.14
C LEU D 87 11.43 -16.48 30.90
N VAL D 88 11.15 -17.11 29.76
CA VAL D 88 11.77 -18.41 29.41
C VAL D 88 13.29 -18.27 29.36
N TRP D 89 13.79 -17.17 28.80
CA TRP D 89 15.23 -16.90 28.79
C TRP D 89 15.80 -16.70 30.18
N ARG D 90 15.09 -15.98 31.03
CA ARG D 90 15.57 -15.76 32.39
C ARG D 90 15.65 -17.06 33.16
N SER D 91 14.80 -18.00 32.87
CA SER D 91 14.66 -19.22 33.64
C SER D 91 15.49 -20.38 33.11
N MET D 92 16.23 -20.19 32.02
CA MET D 92 16.89 -21.33 31.39
C MET D 92 17.69 -22.11 32.38
N GLU D 93 18.53 -21.41 33.16
CA GLU D 93 19.48 -22.01 34.08
C GLU D 93 18.87 -22.36 35.42
N HIS D 94 17.55 -22.55 35.48
CA HIS D 94 16.84 -22.93 36.70
C HIS D 94 15.86 -24.02 36.38
N PRO D 95 16.33 -25.24 36.08
CA PRO D 95 15.41 -26.31 35.65
C PRO D 95 14.27 -26.52 36.64
N GLY D 96 13.08 -26.69 36.09
CA GLY D 96 11.92 -26.80 36.92
C GLY D 96 11.44 -25.52 37.55
N LYS D 97 12.04 -24.38 37.23
CA LYS D 97 11.60 -23.14 37.78
C LYS D 97 11.41 -22.03 36.76
N LEU D 98 10.54 -21.09 37.12
CA LEU D 98 10.26 -19.89 36.36
C LEU D 98 10.72 -18.67 37.13
N LEU D 99 11.66 -17.97 36.56
CA LEU D 99 12.29 -16.81 37.21
C LEU D 99 11.60 -15.56 36.69
N PHE D 100 10.42 -15.30 37.28
CA PHE D 100 9.71 -14.07 36.95
C PHE D 100 10.57 -12.86 37.26
N ALA D 101 11.23 -12.87 38.41
CA ALA D 101 12.24 -11.88 38.79
C ALA D 101 13.23 -12.53 39.73
N PRO D 102 14.40 -11.97 39.90
CA PRO D 102 15.39 -12.62 40.81
C PRO D 102 14.87 -12.91 42.20
N ASN D 103 13.91 -12.11 42.69
CA ASN D 103 13.28 -12.31 43.97
C ASN D 103 11.88 -12.92 43.83
N LEU D 104 11.58 -13.53 42.70
CA LEU D 104 10.29 -14.15 42.45
C LEU D 104 10.56 -15.36 41.56
N LEU D 105 11.11 -16.40 42.16
CA LEU D 105 11.38 -17.67 41.48
C LEU D 105 10.32 -18.65 41.92
N LEU D 106 9.53 -19.14 40.97
CA LEU D 106 8.38 -19.98 41.25
C LEU D 106 8.54 -21.37 40.64
N ASP D 107 8.13 -22.37 41.41
CA ASP D 107 8.10 -23.74 40.92
C ASP D 107 6.66 -24.13 40.61
N ARG D 108 6.52 -25.33 40.06
CA ARG D 108 5.24 -25.80 39.53
C ARG D 108 4.13 -25.75 40.59
N ASN D 109 4.44 -26.21 41.80
CA ASN D 109 3.39 -26.31 42.80
C ASN D 109 2.78 -24.95 43.12
N GLN D 110 3.52 -23.87 42.88
CA GLN D 110 3.03 -22.53 43.14
C GLN D 110 2.21 -22.03 41.93
N GLY D 116 -6.21 -23.60 35.17
CA GLY D 116 -5.58 -23.32 33.89
C GLY D 116 -4.16 -22.82 34.03
N MET D 117 -3.82 -22.45 35.28
CA MET D 117 -2.55 -21.78 35.55
C MET D 117 -1.37 -22.74 35.44
N VAL D 118 -1.54 -23.98 35.92
CA VAL D 118 -0.42 -24.92 35.84
C VAL D 118 -0.22 -25.43 34.42
N GLU D 119 -1.29 -25.49 33.60
CA GLU D 119 -1.01 -25.69 32.18
C GLU D 119 0.04 -24.74 31.65
N ILE D 120 -0.24 -23.43 31.75
CA ILE D 120 0.67 -22.48 31.07
C ILE D 120 2.03 -22.54 31.75
N PHE D 121 2.07 -22.91 33.00
CA PHE D 121 3.38 -23.02 33.58
C PHE D 121 4.13 -24.23 33.14
N ASP D 122 3.46 -25.35 32.86
CA ASP D 122 4.18 -26.47 32.26
C ASP D 122 4.67 -26.13 30.84
N MET D 123 3.88 -25.38 30.07
CA MET D 123 4.32 -25.03 28.73
C MET D 123 5.54 -24.11 28.80
N LEU D 124 5.54 -23.15 29.71
CA LEU D 124 6.66 -22.23 29.80
C LEU D 124 7.90 -22.97 30.19
N LEU D 125 7.77 -23.90 31.15
CA LEU D 125 8.89 -24.69 31.62
C LEU D 125 9.45 -25.57 30.52
N ALA D 126 8.56 -26.14 29.68
CA ALA D 126 8.99 -26.95 28.55
C ALA D 126 9.75 -26.13 27.56
N THR D 127 9.34 -24.86 27.36
CA THR D 127 10.06 -23.98 26.45
C THR D 127 11.44 -23.63 26.98
N SER D 128 11.56 -23.39 28.26
CA SER D 128 12.87 -23.11 28.85
C SER D 128 13.77 -24.31 28.71
N SER D 129 13.25 -25.52 28.91
CA SER D 129 14.08 -26.73 28.73
C SER D 129 14.53 -26.91 27.28
N ARG D 130 13.64 -26.68 26.32
CA ARG D 130 14.03 -26.71 24.91
C ARG D 130 15.17 -25.73 24.62
N PHE D 131 15.09 -24.48 25.13
CA PHE D 131 16.17 -23.53 24.89
C PHE D 131 17.46 -24.01 25.56
N ARG D 132 17.36 -24.55 26.78
CA ARG D 132 18.58 -25.08 27.42
C ARG D 132 19.19 -26.21 26.60
N MET D 133 18.34 -27.00 26.02
CA MET D 133 18.70 -28.19 25.30
C MET D 133 19.54 -27.69 24.07
N MET D 134 18.96 -26.67 23.33
CA MET D 134 19.57 -26.10 22.10
C MET D 134 20.76 -25.21 22.42
N ASN D 135 21.06 -24.98 23.69
CA ASN D 135 22.08 -24.03 24.10
C ASN D 135 21.87 -22.67 23.45
N LEU D 136 20.61 -22.20 23.48
CA LEU D 136 20.29 -20.92 22.87
C LEU D 136 21.24 -19.86 23.41
N GLN D 137 21.77 -19.03 22.48
CA GLN D 137 22.74 -18.00 22.82
C GLN D 137 22.03 -16.67 22.94
N GLY D 138 22.57 -15.79 23.78
CA GLY D 138 21.95 -14.47 23.93
C GLY D 138 21.76 -13.72 22.63
N GLU D 139 22.77 -13.75 21.74
CA GLU D 139 22.61 -13.10 20.44
C GLU D 139 21.43 -13.70 19.64
N GLU D 140 21.25 -14.98 19.70
CA GLU D 140 20.08 -15.61 19.09
C GLU D 140 18.78 -15.13 19.74
N PHE D 141 18.72 -15.11 21.07
CA PHE D 141 17.49 -14.74 21.79
C PHE D 141 16.98 -13.38 21.39
N VAL D 142 17.88 -12.40 21.27
CA VAL D 142 17.44 -11.06 20.98
C VAL D 142 16.93 -10.98 19.58
N CYS D 143 17.52 -11.77 18.65
CA CYS D 143 16.97 -11.81 17.28
C CYS D 143 15.54 -12.40 17.29
N LEU D 144 15.34 -13.49 18.04
CA LEU D 144 14.04 -14.12 18.08
C LEU D 144 13.00 -13.14 18.68
N LYS D 145 13.38 -12.37 19.70
CA LYS D 145 12.47 -11.44 20.34
C LYS D 145 12.11 -10.32 19.41
N SER D 146 13.04 -9.93 18.53
CA SER D 146 12.74 -8.94 17.49
C SER D 146 11.80 -9.51 16.43
N ILE D 147 11.99 -10.78 16.06
CA ILE D 147 11.13 -11.46 15.13
C ILE D 147 9.67 -11.50 15.62
N ILE D 148 9.45 -11.80 16.88
CA ILE D 148 8.09 -11.83 17.42
C ILE D 148 7.46 -10.45 17.29
N LEU D 149 8.22 -9.39 17.66
CA LEU D 149 7.71 -8.02 17.54
C LEU D 149 7.22 -7.75 16.13
N LEU D 150 8.01 -8.12 15.12
CA LEU D 150 7.73 -7.72 13.75
C LEU D 150 6.76 -8.65 13.09
N ASN D 151 6.74 -9.91 13.50
CA ASN D 151 5.93 -10.90 12.77
C ASN D 151 4.53 -11.09 13.31
N SER D 152 4.35 -10.95 14.62
CA SER D 152 3.11 -11.43 15.23
C SER D 152 1.91 -10.71 14.67
N GLY D 153 2.04 -9.41 14.43
CA GLY D 153 0.94 -8.59 13.96
C GLY D 153 0.88 -8.39 12.46
N VAL D 154 1.84 -8.92 11.67
CA VAL D 154 2.01 -8.41 10.31
C VAL D 154 0.91 -8.90 9.39
N TYR D 155 0.28 -10.03 9.71
CA TYR D 155 -0.76 -10.61 8.85
C TYR D 155 -2.15 -10.16 9.25
N THR D 156 -2.27 -9.18 10.18
CA THR D 156 -3.58 -8.70 10.62
C THR D 156 -3.72 -7.18 10.53
N PHE D 157 -2.90 -6.52 9.74
CA PHE D 157 -3.12 -5.11 9.48
C PHE D 157 -4.46 -4.94 8.76
N SER D 160 -5.22 -1.70 3.55
CA SER D 160 -5.06 -1.92 2.12
C SER D 160 -4.79 -0.62 1.34
N THR D 161 -4.39 0.44 2.04
CA THR D 161 -3.82 1.60 1.34
C THR D 161 -2.43 1.25 0.80
N LEU D 162 -1.95 2.08 -0.12
CA LEU D 162 -0.56 1.93 -0.56
C LEU D 162 0.40 1.97 0.63
N LYS D 163 0.19 2.92 1.56
CA LYS D 163 1.04 2.97 2.75
C LYS D 163 1.05 1.65 3.48
N SER D 164 -0.12 1.02 3.66
CA SER D 164 -0.16 -0.27 4.38
C SER D 164 0.67 -1.33 3.68
N LEU D 165 0.61 -1.33 2.33
CA LEU D 165 1.40 -2.29 1.56
C LEU D 165 2.88 -2.01 1.71
N GLU D 166 3.25 -0.74 1.74
CA GLU D 166 4.64 -0.35 1.93
C GLU D 166 5.11 -0.78 3.29
N GLU D 167 4.25 -0.62 4.31
CA GLU D 167 4.66 -0.99 5.67
C GLU D 167 4.94 -2.49 5.80
N LYS D 168 4.02 -3.32 5.28
CA LYS D 168 4.18 -4.76 5.32
C LYS D 168 5.46 -5.18 4.58
N ASP D 169 5.73 -4.57 3.43
CA ASP D 169 6.95 -4.92 2.72
C ASP D 169 8.17 -4.60 3.56
N HIS D 170 8.16 -3.45 4.23
CA HIS D 170 9.31 -3.06 5.05
C HIS D 170 9.57 -4.09 6.14
N ILE D 171 8.50 -4.47 6.84
CA ILE D 171 8.57 -5.44 7.91
C ILE D 171 9.14 -6.74 7.40
N HIS D 172 8.70 -7.18 6.23
CA HIS D 172 9.25 -8.43 5.71
C HIS D 172 10.70 -8.27 5.31
N ARG D 173 11.13 -7.10 4.84
CA ARG D 173 12.54 -6.88 4.54
C ARG D 173 13.38 -6.84 5.82
N VAL D 174 12.86 -6.27 6.92
CA VAL D 174 13.66 -6.30 8.16
C VAL D 174 13.73 -7.71 8.73
N LEU D 175 12.60 -8.44 8.65
CA LEU D 175 12.59 -9.84 9.05
C LEU D 175 13.65 -10.63 8.25
N ASP D 176 13.79 -10.33 6.96
CA ASP D 176 14.82 -11.03 6.15
C ASP D 176 16.21 -10.74 6.67
N LYS D 177 16.45 -9.48 7.06
CA LYS D 177 17.73 -9.08 7.64
C LYS D 177 17.97 -9.83 8.93
N ILE D 178 16.91 -10.03 9.72
CA ILE D 178 17.12 -10.77 10.97
C ILE D 178 17.40 -12.26 10.70
N THR D 179 16.75 -12.84 9.71
CA THR D 179 17.13 -14.18 9.28
C THR D 179 18.61 -14.23 8.91
N ASP D 180 19.03 -13.37 7.97
CA ASP D 180 20.44 -13.32 7.58
C ASP D 180 21.35 -13.25 8.82
N THR D 181 20.94 -12.44 9.82
CA THR D 181 21.77 -12.26 11.03
C THR D 181 21.86 -13.57 11.79
N LEU D 182 20.76 -14.30 11.91
CA LEU D 182 20.78 -15.59 12.61
C LEU D 182 21.69 -16.58 11.90
N ILE D 183 21.62 -16.60 10.56
CA ILE D 183 22.52 -17.46 9.80
C ILE D 183 23.97 -17.07 10.01
N HIS D 184 24.27 -15.76 10.03
CA HIS D 184 25.64 -15.32 10.19
C HIS D 184 26.19 -15.71 11.55
N LEU D 185 25.39 -15.53 12.62
CA LEU D 185 25.84 -15.94 13.96
C LEU D 185 26.23 -17.42 13.98
N MET D 186 25.37 -18.25 13.43
CA MET D 186 25.63 -19.68 13.33
C MET D 186 26.90 -19.97 12.55
N ALA D 187 27.08 -19.34 11.39
CA ALA D 187 28.27 -19.57 10.58
C ALA D 187 29.54 -19.21 11.35
N LYS D 188 29.63 -18.01 11.96
CA LYS D 188 30.78 -17.71 12.85
C LYS D 188 30.93 -18.73 13.94
N ALA D 189 29.83 -19.23 14.51
CA ALA D 189 29.99 -20.24 15.55
C ALA D 189 30.51 -21.57 15.00
N GLY D 190 30.60 -21.72 13.67
CA GLY D 190 31.17 -22.90 13.08
C GLY D 190 30.19 -23.97 12.60
N LEU D 191 28.90 -23.71 12.63
CA LEU D 191 27.95 -24.70 12.17
C LEU D 191 28.05 -24.85 10.67
N THR D 192 27.88 -26.08 10.18
CA THR D 192 27.87 -26.34 8.75
C THR D 192 26.61 -25.72 8.11
N LEU D 193 26.60 -25.64 6.78
CA LEU D 193 25.42 -25.08 6.11
C LEU D 193 24.17 -25.83 6.51
N GLN D 194 24.25 -27.16 6.56
CA GLN D 194 23.11 -27.98 6.95
C GLN D 194 22.68 -27.65 8.37
N GLN D 195 23.64 -27.61 9.27
CA GLN D 195 23.32 -27.32 10.66
C GLN D 195 22.73 -25.92 10.83
N GLN D 196 23.10 -24.96 10.00
CA GLN D 196 22.56 -23.61 10.08
C GLN D 196 21.07 -23.58 9.72
N HIS D 197 20.70 -24.19 8.60
CA HIS D 197 19.29 -24.18 8.25
C HIS D 197 18.45 -24.98 9.23
N GLN D 198 18.97 -26.08 9.76
CA GLN D 198 18.20 -26.87 10.69
C GLN D 198 17.97 -26.07 11.96
N ARG D 199 19.02 -25.43 12.51
CA ARG D 199 18.86 -24.65 13.73
C ARG D 199 17.92 -23.47 13.52
N LEU D 200 18.02 -22.77 12.38
CA LEU D 200 17.08 -21.71 12.07
C LEU D 200 15.64 -22.20 12.19
N ALA D 201 15.34 -23.34 11.54
CA ALA D 201 14.03 -23.93 11.58
C ALA D 201 13.61 -24.31 13.01
N GLN D 202 14.53 -24.89 13.81
CA GLN D 202 14.17 -25.25 15.17
C GLN D 202 13.81 -24.00 15.99
N LEU D 203 14.56 -22.94 15.83
CA LEU D 203 14.27 -21.72 16.58
C LEU D 203 12.90 -21.15 16.17
N LEU D 204 12.66 -21.01 14.88
CA LEU D 204 11.42 -20.40 14.44
C LEU D 204 10.19 -21.26 14.76
N LEU D 205 10.34 -22.59 14.80
CA LEU D 205 9.22 -23.42 15.15
C LEU D 205 8.88 -23.25 16.62
N ILE D 206 9.83 -22.89 17.45
CA ILE D 206 9.47 -22.63 18.83
C ILE D 206 8.62 -21.37 18.96
N LEU D 207 8.75 -20.43 18.02
CA LEU D 207 7.88 -19.26 18.01
C LEU D 207 6.40 -19.62 17.86
N SER D 208 6.09 -20.70 17.16
CA SER D 208 4.73 -21.19 17.07
C SER D 208 4.21 -21.67 18.42
N HIS D 209 5.09 -22.20 19.28
CA HIS D 209 4.68 -22.57 20.64
C HIS D 209 4.55 -21.38 21.58
N ILE D 210 5.38 -20.36 21.41
CA ILE D 210 5.18 -19.13 22.17
C ILE D 210 3.83 -18.51 21.82
N ARG D 211 3.48 -18.44 20.53
CA ARG D 211 2.17 -17.92 20.17
C ARG D 211 1.07 -18.67 20.89
N HIS D 212 1.15 -20.00 20.88
CA HIS D 212 0.17 -20.85 21.54
C HIS D 212 0.04 -20.50 23.02
N MET D 213 1.16 -20.32 23.69
CA MET D 213 1.19 -19.98 25.10
C MET D 213 0.64 -18.59 25.34
N SER D 214 0.94 -17.65 24.44
CA SER D 214 0.37 -16.30 24.56
C SER D 214 -1.14 -16.34 24.46
N ASN D 215 -1.68 -17.10 23.50
CA ASN D 215 -3.12 -17.18 23.33
C ASN D 215 -3.78 -17.85 24.54
N LYS D 216 -3.18 -18.90 25.08
CA LYS D 216 -3.73 -19.51 26.29
C LYS D 216 -3.66 -18.57 27.48
N GLY D 217 -2.57 -17.82 27.60
CA GLY D 217 -2.47 -16.89 28.73
C GLY D 217 -3.52 -15.81 28.65
N MET D 218 -3.77 -15.29 27.45
CA MET D 218 -4.87 -14.36 27.21
C MET D 218 -6.17 -14.93 27.71
N GLU D 219 -6.55 -16.12 27.25
CA GLU D 219 -7.83 -16.66 27.68
C GLU D 219 -7.83 -17.03 29.14
N HIS D 220 -6.65 -17.29 29.72
CA HIS D 220 -6.63 -17.45 31.17
C HIS D 220 -6.73 -16.11 31.89
N LEU D 221 -6.21 -15.03 31.33
CA LEU D 221 -6.43 -13.72 31.93
C LEU D 221 -7.90 -13.36 31.92
N TYR D 222 -8.59 -13.64 30.83
CA TYR D 222 -10.03 -13.45 30.78
C TYR D 222 -10.74 -14.33 31.79
N SER D 223 -10.46 -15.64 31.77
CA SER D 223 -11.21 -16.55 32.64
C SER D 223 -11.10 -16.16 34.11
N MET D 224 -10.01 -15.56 34.47
CA MET D 224 -9.69 -14.95 35.73
C MET D 224 -10.41 -13.71 36.07
N LYS D 225 -11.08 -13.14 35.06
CA LYS D 225 -11.66 -11.78 35.18
C LYS D 225 -10.58 -10.72 35.34
N CYS D 226 -9.52 -10.84 34.54
CA CYS D 226 -8.43 -9.87 34.51
C CYS D 226 -8.29 -9.22 33.13
N LYS D 227 -9.37 -9.16 32.37
CA LYS D 227 -9.25 -8.66 31.00
C LYS D 227 -9.02 -7.16 30.96
N ASN D 228 -8.86 -6.52 32.11
CA ASN D 228 -8.53 -5.10 32.17
C ASN D 228 -7.02 -4.87 32.19
N VAL D 229 -6.22 -5.88 32.55
CA VAL D 229 -4.77 -5.67 32.57
C VAL D 229 -4.16 -5.68 31.18
N VAL D 230 -4.93 -6.01 30.16
CA VAL D 230 -4.37 -6.07 28.79
C VAL D 230 -4.18 -4.65 28.28
N PRO D 231 -3.00 -4.28 27.78
CA PRO D 231 -2.81 -2.89 27.33
C PRO D 231 -3.63 -2.63 26.08
N SER D 232 -4.43 -1.56 26.13
CA SER D 232 -5.30 -1.22 25.02
C SER D 232 -4.54 -0.57 23.89
N TYR D 233 -5.22 -0.42 22.75
CA TYR D 233 -4.61 0.27 21.63
C TYR D 233 -4.27 1.71 22.00
N ASP D 234 -5.18 2.39 22.71
CA ASP D 234 -4.93 3.77 23.08
C ASP D 234 -3.82 3.88 24.11
N LEU D 235 -3.73 2.93 25.05
CA LEU D 235 -2.67 2.97 26.04
C LEU D 235 -1.32 2.89 25.37
N LEU D 236 -1.18 1.93 24.45
CA LEU D 236 0.07 1.75 23.74
C LEU D 236 0.40 2.97 22.90
N LEU D 237 -0.63 3.53 22.25
CA LEU D 237 -0.41 4.68 21.39
C LEU D 237 0.08 5.89 22.18
N GLU D 238 -0.55 6.16 23.33
CA GLU D 238 -0.02 7.18 24.28
C GLU D 238 1.34 6.87 24.79
N MET D 239 1.55 5.64 25.20
CA MET D 239 2.87 5.29 25.73
C MET D 239 3.96 5.46 24.68
N LEU D 240 3.60 5.34 23.42
CA LEU D 240 4.56 5.32 22.32
C LEU D 240 4.90 6.73 21.85
N ASP D 241 3.99 7.68 21.95
CA ASP D 241 4.33 9.04 21.55
C ASP D 241 4.87 9.83 22.74
N1 A1AHU E . 6.15 32.93 -7.11
C4 A1AHU E . 9.92 29.68 -7.45
C5 A1AHU E . 10.86 28.55 -7.53
C6 A1AHU E . 12.27 28.73 -7.65
C7 A1AHU E . 13.11 27.59 -7.66
C8 A1AHU E . 12.52 26.32 -7.55
C10 A1AHU E . 10.31 27.26 -7.44
C13 A1AHU E . 11.12 30.97 -10.11
C15 A1AHU E . 12.42 32.91 -10.73
C17 A1AHU E . 11.31 32.88 -8.63
C20 A1AHU E . 6.70 32.74 -4.70
C21 A1AHU E . 7.33 34.16 -4.66
C22 A1AHU E . 6.52 34.32 -7.11
C24 A1AHU E . 7.42 36.29 -6.04
C26 A1AHU E . 6.65 36.42 -8.33
C1 A1AHU E . 7.67 30.98 -8.45
C11 A1AHU E . 9.98 30.97 -7.89
C12 A1AHU E . 10.81 31.59 -8.91
C14 A1AHU E . 11.95 31.63 -11.03
C16 A1AHU E . 12.11 33.53 -9.55
C18 A1AHU E . 8.65 31.60 -7.43
C19 A1AHU E . 5.65 32.50 -5.81
C2 A1AHU E . 7.42 29.60 -7.83
C23 A1AHU E . 7.09 34.93 -5.96
C25 A1AHU E . 7.21 37.02 -7.21
C27 A1AHU E . 6.31 35.07 -8.28
C3 A1AHU E . 8.55 29.55 -6.77
C9 A1AHU E . 11.11 26.16 -7.49
O1 A1AHU E . 6.36 32.86 -9.80
O2 A1AHU E . 13.24 25.15 -7.60
O3 A1AHU E . 13.24 33.56 -11.61
O4 A1AHU E . 8.40 30.84 -6.26
O5 A1AHU E . 5.03 30.98 -8.68
S1 A1AHU E . 6.09 32.00 -8.59
H6 A1AHU E . 12.70 29.73 -7.72
H7 A1AHU E . 14.18 27.69 -7.76
H10 A1AHU E . 9.25 27.13 -7.33
H11 A1AHU E . 10.75 29.99 -10.34
H15 A1AHU E . 11.09 33.37 -7.69
H19 A1AHU E . 6.24 32.52 -3.74
H18 A1AHU E . 7.50 32.00 -4.82
H20 A1AHU E . 6.91 34.71 -3.83
H21 A1AHU E . 8.40 34.08 -4.47
H22 A1AHU E . 7.86 36.78 -5.18
H24 A1AHU E . 6.47 36.99 -9.22
H1 A1AHU E . 8.07 30.92 -9.47
H12 A1AHU E . 12.22 31.14 -11.95
H14 A1AHU E . 12.48 34.53 -9.34
H3 A1AHU E . 8.57 32.65 -7.17
H17 A1AHU E . 5.41 31.44 -5.85
H16 A1AHU E . 4.74 33.03 -5.57
H4 A1AHU E . 7.51 28.79 -8.53
H5 A1AHU E . 6.44 29.54 -7.35
H23 A1AHU E . 7.47 38.07 -7.24
H25 A1AHU E . 5.90 34.61 -9.16
H2 A1AHU E . 8.46 28.76 -6.02
H9 A1AHU E . 10.68 25.17 -7.49
H8 A1AHU E . 13.06 24.60 -8.37
H13 A1AHU E . 13.87 32.97 -12.04
N1 A1AHU F . -11.00 34.62 -26.85
C4 A1AHU F . -14.98 32.25 -24.70
C5 A1AHU F . -16.15 31.37 -24.77
C6 A1AHU F . -17.45 31.90 -24.85
C7 A1AHU F . -18.56 31.04 -24.94
C8 A1AHU F . -18.33 29.68 -24.97
C10 A1AHU F . -15.94 29.95 -24.81
C13 A1AHU F . -16.07 34.14 -22.48
C15 A1AHU F . -17.06 36.29 -22.09
C17 A1AHU F . -16.02 35.81 -24.21
C20 A1AHU F . -10.29 33.19 -28.74
C21 A1AHU F . -11.42 33.78 -29.55
C22 A1AHU F . -11.81 35.45 -27.66
C24 A1AHU F . -12.85 35.91 -29.80
C26 A1AHU F . -13.22 37.43 -27.94
C1 A1AHU F . -12.64 33.96 -24.52
C11 A1AHU F . -14.97 33.61 -24.70
C12 A1AHU F . -15.70 34.55 -23.77
C14 A1AHU F . -16.76 35.00 -21.62
C16 A1AHU F . -16.69 36.69 -23.37
C18 A1AHU F . -13.76 33.97 -25.58
C19 A1AHU F . -9.88 34.01 -27.52
C2 A1AHU F . -12.55 32.44 -24.24
C23 A1AHU F . -12.03 35.07 -28.98
C25 A1AHU F . -13.44 37.07 -29.28
C27 A1AHU F . -12.40 36.62 -27.14
C3 A1AHU F . -13.57 31.86 -25.22
C9 A1AHU F . -17.05 29.14 -24.86
O1 A1AHU F . -11.01 36.11 -24.61
O2 A1AHU F . -19.36 28.85 -25.04
O3 A1AHU F . -17.74 37.17 -21.28
O4 A1AHU F . -13.43 32.79 -26.26
O5 A1AHU F . -9.98 33.76 -24.58
S1 A1AHU F . -10.99 34.70 -25.08
H6 A1AHU F . -17.62 32.97 -24.83
H7 A1AHU F . -19.55 31.45 -24.99
H10 A1AHU F . -14.94 29.52 -24.79
H11 A1AHU F . -15.80 33.15 -22.12
H15 A1AHU F . -15.75 36.13 -25.19
H19 A1AHU F . -9.42 33.05 -29.38
H18 A1AHU F . -10.58 32.18 -28.41
H20 A1AHU F . -11.05 33.98 -30.56
H21 A1AHU F . -12.21 33.03 -29.65
H22 A1AHU F . -13.02 35.65 -30.83
H24 A1AHU F . -13.67 38.32 -27.54
H1 A1AHU F . -12.91 34.57 -23.66
H12 A1AHU F . -17.05 34.68 -20.64
H14 A1AHU F . -16.92 37.68 -23.72
H3 A1AHU F . -13.85 34.76 -26.33
H17 A1AHU F . -9.34 33.37 -26.82
H16 A1AHU F . -9.19 34.80 -27.84
H4 A1AHU F . -11.55 32.06 -24.44
H5 A1AHU F . -12.80 32.20 -23.22
H23 A1AHU F . -14.05 37.69 -29.92
H25 A1AHU F . -12.23 36.91 -26.13
H2 A1AHU F . -13.41 30.83 -25.55
H9 A1AHU F . -16.92 28.07 -24.84
H8 A1AHU F . -19.45 28.24 -24.28
H13 A1AHU F . -18.68 37.01 -21.26
N1 A1AHU G . -13.84 -20.29 11.94
C4 A1AHU G . -13.37 -24.38 9.35
C5 A1AHU G . -12.89 -25.40 8.44
C6 A1AHU G . -13.68 -26.54 8.03
C7 A1AHU G . -13.14 -27.48 7.11
C8 A1AHU G . -11.89 -27.24 6.56
C10 A1AHU G . -11.64 -25.22 7.88
C13 A1AHU G . -13.95 -26.58 11.57
C15 A1AHU G . -15.91 -27.56 12.60
C17 A1AHU G . -16.15 -25.47 11.49
C20 A1AHU G . -13.23 -19.16 9.84
C21 A1AHU G . -14.67 -19.29 9.35
C22 A1AHU G . -15.25 -20.23 11.68
C24 A1AHU G . -17.06 -19.70 10.17
C26 A1AHU G . -17.54 -20.60 12.36
C1 A1AHU G . -12.93 -22.97 11.77
C11 A1AHU G . -14.25 -24.41 10.38
C12 A1AHU G . -14.77 -25.51 11.16
C14 A1AHU G . -14.54 -27.63 12.30
C16 A1AHU G . -16.70 -26.50 12.19
C18 A1AHU G . -14.24 -23.00 10.97
C19 A1AHU G . -13.19 -19.15 11.38
C2 A1AHU G . -11.90 -22.84 10.63
C23 A1AHU G . -15.69 -19.75 10.41
C25 A1AHU G . -17.96 -20.13 11.11
C27 A1AHU G . -16.18 -20.66 12.64
C3 A1AHU G . -12.83 -22.95 9.38
C9 A1AHU G . -11.14 -26.17 6.99
O1 A1AHU G . -13.84 -21.83 14.09
O2 A1AHU G . -11.29 -28.09 5.67
O3 A1AHU G . -16.48 -28.60 13.31
O4 A1AHU G . -13.94 -22.21 9.85
O5 A1AHU G . -11.57 -21.11 13.13
S1 A1AHU G . -12.99 -21.48 12.91
H6 A1AHU G . -14.68 -26.68 8.41
H7 A1AHU G . -13.70 -28.37 6.84
H10 A1AHU G . -11.04 -24.36 8.14
H11 A1AHU G . -12.90 -26.61 11.34
H15 A1AHU G . -16.76 -24.64 11.18
H19 A1AHU G . -12.78 -18.25 9.45
H18 A1AHU G . -12.63 -19.99 9.46
H20 A1AHU G . -14.99 -18.33 8.95
H21 A1AHU G . -14.69 -19.99 8.51
H22 A1AHU G . -17.42 -19.33 9.22
H24 A1AHU G . -18.27 -20.91 13.10
H1 A1AHU G . -12.71 -23.84 12.38
H12 A1AHU G . -13.95 -28.48 12.62
H14 A1AHU G . -17.76 -26.49 12.42
H3 A1AHU G . -15.15 -22.58 11.41
H17 A1AHU G . -12.14 -19.14 11.70
H16 A1AHU G . -13.65 -18.24 11.75
H4 A1AHU G . -11.37 -21.89 10.65
H5 A1AHU G . -11.16 -23.64 10.64
H23 A1AHU G . -19.02 -20.11 10.89
H25 A1AHU G . -15.86 -21.04 13.60
H2 A1AHU G . -12.46 -22.52 8.44
H9 A1AHU G . -10.12 -26.06 6.61
H8 A1AHU G . -11.94 -28.40 5.01
H13 A1AHU G . -16.26 -29.45 12.95
N1 A1AHU H . -0.15 -17.40 34.06
C4 A1AHU H . 2.83 -13.59 32.94
C5 A1AHU H . 4.13 -12.90 32.89
C6 A1AHU H . 4.44 -11.79 33.70
C7 A1AHU H . 5.70 -11.19 33.63
C8 A1AHU H . 6.64 -11.68 32.76
C10 A1AHU H . 5.12 -13.40 32.01
C13 A1AHU H . 0.98 -10.76 32.42
C15 A1AHU H . -0.21 -9.35 33.97
C17 A1AHU H . 0.33 -11.62 34.57
C20 A1AHU H . 1.63 -19.11 34.44
C21 A1AHU H . 1.60 -18.89 35.93
C22 A1AHU H . -0.16 -17.10 35.47
C24 A1AHU H . 0.70 -17.51 37.75
C26 A1AHU H . -0.94 -15.82 37.38
C1 A1AHU H . 0.40 -15.09 32.21
C11 A1AHU H . 1.56 -13.14 33.07
C12 A1AHU H . 0.95 -11.82 33.33
C14 A1AHU H . 0.42 -9.52 32.73
C16 A1AHU H . -0.25 -10.39 34.88
C18 A1AHU H . 0.81 -14.40 33.51
C19 A1AHU H . 0.30 -18.72 33.75
C2 A1AHU H . 1.80 -15.43 31.67
C23 A1AHU H . 0.68 -17.79 36.38
C25 A1AHU H . -0.11 -16.52 38.27
C27 A1AHU H . -0.97 -16.10 36.02
C3 A1AHU H . 2.72 -15.10 32.82
C9 A1AHU H . 6.37 -12.79 31.98
O1 A1AHU H . -2.06 -15.82 33.15
O2 A1AHU H . 7.81 -11.12 32.70
O3 A1AHU H . -0.77 -8.15 34.28
O4 A1AHU H . 1.82 -15.32 33.87
O5 A1AHU H . -0.79 -17.33 31.52
S1 A1AHU H . -0.81 -16.48 32.68
H6 A1AHU H . 3.70 -11.38 34.37
H7 A1AHU H . 5.92 -10.34 34.27
H10 A1AHU H . 4.92 -14.25 31.37
H11 A1AHU H . 1.45 -10.90 31.45
H15 A1AHU H . 0.30 -12.42 35.29
H19 A1AHU H . 1.86 -20.15 34.23
H18 A1AHU H . 2.44 -18.53 34.00
H20 A1AHU H . 1.31 -19.83 36.41
H21 A1AHU H . 2.62 -18.68 36.27
H22 A1AHU H . 1.35 -18.07 38.41
H24 A1AHU H . -1.58 -15.04 37.76
H1 A1AHU H . -0.15 -14.55 31.43
H12 A1AHU H . 0.47 -8.71 32.02
H14 A1AHU H . -0.73 -10.26 35.83
H3 A1AHU H . 0.12 -14.28 34.33
H17 A1AHU H . 0.44 -18.80 32.67
H16 A1AHU H . -0.45 -19.45 34.04
H4 A1AHU H . 2.05 -14.83 30.80
H5 A1AHU H . 1.90 -16.48 31.40
H23 A1AHU H . -0.11 -16.29 39.33
H25 A1AHU H . -1.62 -15.53 35.39
H2 A1AHU H . 3.63 -15.70 32.89
H9 A1AHU H . 7.13 -13.19 31.33
H8 A1AHU H . 8.03 -10.62 33.51
H13 A1AHU H . -1.53 -8.24 34.87
#